data_9C9O
#
_entry.id   9C9O
#
_cell.length_a   106.673
_cell.length_b   106.673
_cell.length_c   258.740
_cell.angle_alpha   90.000
_cell.angle_beta   90.000
_cell.angle_gamma   90.000
#
_symmetry.space_group_name_H-M   'P 41 21 2'
#
loop_
_entity.id
_entity.type
_entity.pdbx_description
1 polymer 'Polyketide synthase Pks13'
2 polymer 'Polyketide synthase Pks13'
3 branched beta-D-fructofuranose-(2-1)-alpha-D-glucopyranose
4 non-polymer 'SULFATE ION'
5 non-polymer 'PENTAETHYLENE GLYCOL'
6 non-polymer '4-({2,6-difluoro-4-[3-(methanesulfonamido)-1H-1,2,4-triazol-1-yl]phenyl}methoxy)phenyl hydrogen sulfate'
7 water water
#
loop_
_entity_poly.entity_id
_entity_poly.type
_entity_poly.pdbx_seq_one_letter_code
_entity_poly.pdbx_strand_id
1 'polypeptide(L)'
;MHHHHHHSSGVDLGTENLYFQSNARFDEFGNIITDSAVAEEPEPELPGVTEEALRLKEAALEELAAQEVTAPLVPLAVSA
FLTSRKKAAAAELADWMQSPEGQASSLESIGRSLSRRNHGRSRAVVLAHDHDEAIKGLRAVAAGKQAPNVFSVDGPVTTG
PVWVLAGFGAQHRKMGKSLYLRNEVFAAWIEKVDALVQDELGYSVLELILDDAQDYGIETTQVTIFAIQIALGELLRHHG
AKPAAVIGQ(A1ATO)LGEAASAYFAGGLSLRDATRAICSRSHLMGEGEAMLFGEYIRLMALVEYSADEIREVFSDFPDL
EVCVYAAPTQTVIGGPPEQVDAILARAEAEGKFARKFATKGASHTSQMDPLLGELTAELQGIKPTSPTCGIFSTVHEGRY
IKPGGEPIHDVEYWKKGLRHSVYFTHGIRNAVDSGHTTFLELAPNPVALMQVALTTADAGLHDAQLIPTLARKQDEVSSM
VSTMAQLYVYGHDLDIRTLFSRASGPQDYANIPPTRFK
;
A
2 'polypeptide(L)'
;MHHHHHHSSGVDLGTENLYFQSNARFDEFGNIITDSAVAEEPEPELPGVTEEALRLKEAALEELAAQEVTAPLVPLAVSA
FLTSRKKAAAAELADWMQSPEGQASSLESIGRSLSRRNHGRSRAVVLAHDHDEAIKGLRAVAAGKQAPNVFSVDGPVTTG
PVWVLAGFGAQHRKMGKSLYLRNEVFAAWIEKVDALVQDELGYSVLELILDDAQDYGIETTQVTIFAIQIALGELLRHHG
AKPAAVIGQSLGEAASAYFAGGLSLRDATRAICSRSHLMGEGEAMLFGEYIRLMALVEYSADEIREVFSDFPDLEVCVYA
APTQTVIGGPPEQVDAILARAEAEGKFARKFATKGASHTSQMDPLLGELTAELQGIKPTSPTCGIFSTVHEGRYIKPGGE
PIHDVEYWKKGLRHSVYFTHGIRNAVDSGHTTFLELAPNPVALMQVALTTADAGLHDAQLIPTLARKQDEVSSMVSTMAQ
LYVYGHDLDIRTLFSRASGPQDYANIPPTRFK
;
B,C
#
# COMPACT_ATOMS: atom_id res chain seq x y z
N GLU A 45 -27.24 45.98 7.70
CA GLU A 45 -26.71 45.79 6.34
C GLU A 45 -25.28 45.21 6.35
N LEU A 46 -25.04 44.20 5.49
CA LEU A 46 -23.81 43.40 5.51
C LEU A 46 -22.68 44.06 4.74
N PRO A 47 -21.43 43.79 5.09
CA PRO A 47 -20.30 44.30 4.31
C PRO A 47 -20.26 43.67 2.93
N GLY A 48 -19.73 44.42 1.96
CA GLY A 48 -19.58 43.92 0.61
C GLY A 48 -18.21 43.31 0.36
N VAL A 49 -18.02 42.84 -0.87
CA VAL A 49 -16.71 42.38 -1.31
C VAL A 49 -15.69 43.50 -1.14
N THR A 50 -14.62 43.22 -0.38
CA THR A 50 -13.62 44.23 -0.09
C THR A 50 -12.92 44.71 -1.37
N GLU A 51 -12.30 45.88 -1.28
CA GLU A 51 -11.54 46.38 -2.41
C GLU A 51 -10.36 45.46 -2.74
N GLU A 52 -9.65 44.97 -1.71
CA GLU A 52 -8.53 44.07 -1.97
C GLU A 52 -8.99 42.77 -2.62
N ALA A 53 -10.19 42.30 -2.30
CA ALA A 53 -10.67 41.08 -2.94
C ALA A 53 -10.96 41.32 -4.42
N LEU A 54 -11.52 42.49 -4.74
CA LEU A 54 -11.75 42.84 -6.14
C LEU A 54 -10.43 42.98 -6.90
N ARG A 55 -9.43 43.62 -6.27
CA ARG A 55 -8.12 43.71 -6.90
C ARG A 55 -7.55 42.33 -7.19
N LEU A 56 -7.59 41.43 -6.20
CA LEU A 56 -7.06 40.09 -6.39
C LEU A 56 -7.85 39.32 -7.46
N LYS A 57 -9.17 39.54 -7.51
CA LYS A 57 -9.99 38.87 -8.50
C LYS A 57 -9.59 39.28 -9.92
N GLU A 58 -9.42 40.58 -10.16
CA GLU A 58 -9.00 41.06 -11.48
C GLU A 58 -7.68 40.41 -11.91
N ALA A 59 -6.70 40.38 -10.99
CA ALA A 59 -5.41 39.78 -11.34
C ALA A 59 -5.56 38.29 -11.66
N ALA A 60 -6.31 37.56 -10.83
CA ALA A 60 -6.53 36.14 -11.06
C ALA A 60 -7.26 35.89 -12.38
N LEU A 61 -8.17 36.77 -12.75
CA LEU A 61 -8.90 36.59 -14.00
C LEU A 61 -7.98 36.80 -15.21
N GLU A 62 -7.04 37.75 -15.10
CA GLU A 62 -6.04 37.92 -16.17
C GLU A 62 -5.12 36.72 -16.27
N GLU A 63 -4.64 36.21 -15.13
CA GLU A 63 -3.87 34.97 -15.18
C GLU A 63 -4.68 33.85 -15.84
N LEU A 64 -5.97 33.75 -15.50
CA LEU A 64 -6.81 32.72 -16.09
C LEU A 64 -6.95 32.92 -17.60
N ALA A 65 -7.22 34.16 -18.02
CA ALA A 65 -7.47 34.44 -19.43
C ALA A 65 -6.25 34.15 -20.29
N ALA A 66 -5.05 34.25 -19.73
CA ALA A 66 -3.84 34.00 -20.48
C ALA A 66 -3.45 32.54 -20.52
N GLN A 67 -4.25 31.65 -19.94
CA GLN A 67 -3.83 30.27 -19.80
C GLN A 67 -4.39 29.39 -20.91
N GLU A 68 -3.89 28.16 -20.94
CA GLU A 68 -4.20 27.18 -21.99
C GLU A 68 -5.61 26.62 -21.78
N VAL A 69 -6.52 26.95 -22.69
CA VAL A 69 -7.90 26.52 -22.57
C VAL A 69 -7.97 25.00 -22.71
N THR A 70 -8.55 24.35 -21.71
CA THR A 70 -8.68 22.89 -21.69
C THR A 70 -10.11 22.47 -21.97
N ALA A 71 -10.24 21.35 -22.68
CA ALA A 71 -11.55 20.82 -23.04
C ALA A 71 -12.34 20.48 -21.78
N PRO A 72 -13.62 20.87 -21.70
CA PRO A 72 -14.41 20.53 -20.52
C PRO A 72 -14.77 19.06 -20.50
N LEU A 73 -15.08 18.58 -19.30
CA LEU A 73 -15.61 17.23 -19.11
C LEU A 73 -17.13 17.25 -19.34
N VAL A 74 -17.61 16.39 -20.23
CA VAL A 74 -19.02 16.40 -20.65
C VAL A 74 -19.68 15.11 -20.21
N PRO A 75 -20.85 15.16 -19.53
CA PRO A 75 -21.55 13.92 -19.14
C PRO A 75 -22.52 13.43 -20.21
N LEU A 76 -22.33 12.20 -20.71
CA LEU A 76 -23.21 11.63 -21.72
C LEU A 76 -24.00 10.52 -21.07
N ALA A 77 -25.31 10.72 -20.94
CA ALA A 77 -26.20 9.77 -20.25
C ALA A 77 -27.00 8.94 -21.24
N VAL A 78 -27.05 7.61 -21.01
CA VAL A 78 -27.96 6.71 -21.69
C VAL A 78 -28.69 5.89 -20.63
N SER A 79 -29.95 5.54 -20.93
CA SER A 79 -30.77 4.83 -19.96
C SER A 79 -31.86 4.07 -20.70
N ALA A 80 -32.42 3.07 -20.01
CA ALA A 80 -33.55 2.30 -20.52
C ALA A 80 -34.17 1.53 -19.37
N PHE A 81 -35.36 0.97 -19.61
CA PHE A 81 -35.97 0.14 -18.58
C PHE A 81 -35.12 -1.09 -18.31
N LEU A 82 -34.60 -1.72 -19.36
CA LEU A 82 -33.78 -2.93 -19.23
C LEU A 82 -32.30 -2.64 -19.49
N THR A 83 -31.43 -3.28 -18.70
CA THR A 83 -30.00 -3.07 -18.88
C THR A 83 -29.56 -3.49 -20.28
N SER A 84 -30.16 -4.56 -20.82
CA SER A 84 -29.80 -5.01 -22.16
C SER A 84 -30.12 -3.95 -23.20
N ARG A 85 -31.28 -3.30 -23.06
CA ARG A 85 -31.64 -2.21 -23.96
C ARG A 85 -30.74 -0.99 -23.76
N LYS A 86 -30.42 -0.65 -22.50
CA LYS A 86 -29.45 0.41 -22.24
C LYS A 86 -28.13 0.12 -22.93
N LYS A 87 -27.68 -1.13 -22.88
CA LYS A 87 -26.42 -1.49 -23.51
C LYS A 87 -26.49 -1.31 -25.03
N ALA A 88 -27.66 -1.54 -25.62
CA ALA A 88 -27.80 -1.38 -27.07
C ALA A 88 -27.82 0.09 -27.46
N ALA A 89 -28.50 0.92 -26.66
CA ALA A 89 -28.46 2.36 -26.90
C ALA A 89 -27.04 2.90 -26.84
N ALA A 90 -26.22 2.36 -25.93
CA ALA A 90 -24.84 2.84 -25.84
C ALA A 90 -24.05 2.45 -27.07
N ALA A 91 -24.26 1.24 -27.60
CA ALA A 91 -23.53 0.81 -28.78
C ALA A 91 -24.02 1.57 -30.02
N GLU A 92 -25.33 1.81 -30.13
CA GLU A 92 -25.87 2.62 -31.21
C GLU A 92 -25.31 4.04 -31.19
N LEU A 93 -25.25 4.64 -30.00
CA LEU A 93 -24.68 5.99 -29.91
C LEU A 93 -23.21 5.98 -30.27
N ALA A 94 -22.49 4.93 -29.88
CA ALA A 94 -21.07 4.87 -30.22
C ALA A 94 -20.88 4.77 -31.72
N ASP A 95 -21.70 3.95 -32.40
CA ASP A 95 -21.64 3.85 -33.85
C ASP A 95 -21.85 5.21 -34.50
N TRP A 96 -22.90 5.92 -34.08
CA TRP A 96 -23.21 7.22 -34.66
C TRP A 96 -22.11 8.24 -34.40
N MET A 97 -21.56 8.28 -33.17
CA MET A 97 -20.48 9.23 -32.92
C MET A 97 -19.21 8.90 -33.70
N GLN A 98 -19.07 7.66 -34.18
CA GLN A 98 -17.94 7.34 -35.04
C GLN A 98 -18.16 7.80 -36.50
N SER A 99 -19.42 7.98 -36.93
CA SER A 99 -19.69 8.44 -38.28
C SER A 99 -19.23 9.88 -38.48
N PRO A 100 -19.02 10.30 -39.75
CA PRO A 100 -18.64 11.71 -39.97
C PRO A 100 -19.62 12.71 -39.39
N GLU A 101 -20.93 12.43 -39.42
CA GLU A 101 -21.88 13.39 -38.86
C GLU A 101 -21.74 13.47 -37.34
N GLY A 102 -21.54 12.34 -36.68
CA GLY A 102 -21.33 12.37 -35.24
C GLY A 102 -20.01 13.04 -34.87
N GLN A 103 -18.97 12.82 -35.69
CA GLN A 103 -17.67 13.43 -35.42
C GLN A 103 -17.72 14.94 -35.53
N ALA A 104 -18.69 15.47 -36.29
CA ALA A 104 -18.84 16.91 -36.54
C ALA A 104 -19.69 17.63 -35.52
N SER A 105 -20.36 16.91 -34.62
CA SER A 105 -21.18 17.51 -33.58
C SER A 105 -20.39 17.57 -32.27
N SER A 106 -20.46 18.69 -31.58
CA SER A 106 -19.71 18.84 -30.34
C SER A 106 -20.19 17.87 -29.29
N LEU A 107 -19.28 17.49 -28.38
CA LEU A 107 -19.68 16.68 -27.24
C LEU A 107 -20.82 17.35 -26.48
N GLU A 108 -20.75 18.67 -26.32
CA GLU A 108 -21.76 19.38 -25.53
C GLU A 108 -23.15 19.28 -26.17
N SER A 109 -23.22 19.36 -27.50
CA SER A 109 -24.52 19.23 -28.16
C SER A 109 -25.05 17.79 -28.10
N ILE A 110 -24.16 16.80 -28.17
CA ILE A 110 -24.57 15.41 -27.96
C ILE A 110 -25.11 15.22 -26.55
N GLY A 111 -24.37 15.67 -25.53
CA GLY A 111 -24.84 15.50 -24.17
C GLY A 111 -26.12 16.25 -23.87
N ARG A 112 -26.30 17.42 -24.48
CA ARG A 112 -27.54 18.17 -24.30
C ARG A 112 -28.72 17.42 -24.88
N SER A 113 -28.55 16.82 -26.06
CA SER A 113 -29.63 16.03 -26.63
C SER A 113 -29.97 14.84 -25.74
N LEU A 114 -28.93 14.13 -25.25
CA LEU A 114 -29.16 13.00 -24.35
C LEU A 114 -29.89 13.44 -23.09
N SER A 115 -29.60 14.66 -22.61
CA SER A 115 -30.22 15.08 -21.37
C SER A 115 -31.73 15.23 -21.49
N ARG A 116 -32.27 15.21 -22.70
CA ARG A 116 -33.69 15.44 -22.93
C ARG A 116 -34.47 14.16 -23.20
N ARG A 117 -33.82 13.01 -23.18
CA ARG A 117 -34.54 11.75 -23.32
C ARG A 117 -35.30 11.43 -22.03
N ASN A 118 -36.13 10.38 -22.10
CA ASN A 118 -36.66 9.78 -20.89
C ASN A 118 -35.52 9.11 -20.12
N HIS A 119 -35.54 9.28 -18.81
CA HIS A 119 -34.46 8.78 -17.98
C HIS A 119 -34.94 7.52 -17.30
N GLY A 120 -34.54 6.37 -17.83
CA GLY A 120 -35.05 5.09 -17.38
C GLY A 120 -34.38 4.59 -16.12
N ARG A 121 -34.81 3.38 -15.72
CA ARG A 121 -34.40 2.83 -14.44
C ARG A 121 -32.95 2.36 -14.47
N SER A 122 -32.52 1.76 -15.59
CA SER A 122 -31.14 1.33 -15.78
C SER A 122 -30.37 2.45 -16.49
N ARG A 123 -29.35 2.99 -15.82
CA ARG A 123 -28.71 4.23 -16.27
C ARG A 123 -27.21 4.06 -16.40
N ALA A 124 -26.61 4.87 -17.26
CA ALA A 124 -25.17 4.98 -17.30
C ALA A 124 -24.82 6.40 -17.74
N VAL A 125 -23.60 6.81 -17.37
CA VAL A 125 -23.04 8.09 -17.80
C VAL A 125 -21.58 7.87 -18.19
N VAL A 126 -21.19 8.37 -19.35
CA VAL A 126 -19.79 8.39 -19.79
C VAL A 126 -19.33 9.84 -19.71
N LEU A 127 -18.28 10.08 -18.92
CA LEU A 127 -17.68 11.41 -18.80
C LEU A 127 -16.50 11.49 -19.75
N ALA A 128 -16.53 12.45 -20.69
CA ALA A 128 -15.58 12.46 -21.78
C ALA A 128 -15.12 13.87 -22.09
N HIS A 129 -13.88 13.99 -22.54
CA HIS A 129 -13.31 15.24 -23.01
C HIS A 129 -13.36 15.37 -24.51
N ASP A 130 -13.30 14.26 -25.25
CA ASP A 130 -13.33 14.27 -26.71
C ASP A 130 -14.09 13.04 -27.19
N HIS A 131 -14.21 12.92 -28.52
CA HIS A 131 -15.03 11.85 -29.10
C HIS A 131 -14.42 10.48 -28.84
N ASP A 132 -13.08 10.39 -28.86
CA ASP A 132 -12.43 9.10 -28.61
C ASP A 132 -12.75 8.56 -27.22
N GLU A 133 -12.65 9.40 -26.19
CA GLU A 133 -13.03 8.97 -24.85
C GLU A 133 -14.49 8.58 -24.77
N ALA A 134 -15.37 9.40 -25.38
CA ALA A 134 -16.80 9.11 -25.37
C ALA A 134 -17.09 7.75 -25.99
N ILE A 135 -16.56 7.49 -27.19
CA ILE A 135 -16.83 6.21 -27.86
C ILE A 135 -16.29 5.04 -27.06
N LYS A 136 -15.08 5.20 -26.53
CA LYS A 136 -14.46 4.15 -25.73
C LYS A 136 -15.25 3.88 -24.46
N GLY A 137 -15.70 4.94 -23.78
CA GLY A 137 -16.55 4.75 -22.62
C GLY A 137 -17.87 4.09 -22.97
N LEU A 138 -18.41 4.41 -24.15
CA LEU A 138 -19.69 3.82 -24.54
C LEU A 138 -19.54 2.37 -24.93
N ARG A 139 -18.39 2.00 -25.52
CA ARG A 139 -18.14 0.59 -25.75
C ARG A 139 -18.13 -0.19 -24.43
N ALA A 140 -17.47 0.37 -23.41
CA ALA A 140 -17.44 -0.24 -22.09
C ALA A 140 -18.86 -0.46 -21.55
N VAL A 141 -19.73 0.55 -21.68
CA VAL A 141 -21.10 0.42 -21.20
C VAL A 141 -21.82 -0.69 -21.95
N ALA A 142 -21.66 -0.72 -23.28
CA ALA A 142 -22.33 -1.75 -24.06
C ALA A 142 -21.81 -3.14 -23.70
N ALA A 143 -20.52 -3.24 -23.40
CA ALA A 143 -19.86 -4.51 -23.06
C ALA A 143 -20.03 -4.89 -21.59
N GLY A 144 -20.73 -4.10 -20.79
CA GLY A 144 -20.82 -4.37 -19.36
C GLY A 144 -19.49 -4.38 -18.65
N LYS A 145 -18.51 -3.63 -19.15
CA LYS A 145 -17.18 -3.54 -18.57
C LYS A 145 -17.00 -2.22 -17.83
N GLN A 146 -16.03 -2.22 -16.93
CA GLN A 146 -15.71 -1.07 -16.12
C GLN A 146 -14.67 -0.18 -16.79
N ALA A 147 -14.69 1.09 -16.45
CA ALA A 147 -13.75 2.06 -16.99
C ALA A 147 -13.73 3.24 -16.05
N PRO A 148 -12.60 3.97 -15.97
CA PRO A 148 -12.51 5.06 -14.97
C PRO A 148 -13.56 6.15 -15.15
N ASN A 149 -14.00 6.43 -16.38
CA ASN A 149 -14.90 7.54 -16.64
C ASN A 149 -16.34 7.11 -16.85
N VAL A 150 -16.71 5.91 -16.39
CA VAL A 150 -17.97 5.28 -16.73
C VAL A 150 -18.64 4.82 -15.44
N PHE A 151 -19.90 5.22 -15.25
CA PHE A 151 -20.74 4.69 -14.18
C PHE A 151 -21.98 4.06 -14.81
N SER A 152 -22.32 2.84 -14.40
CA SER A 152 -23.44 2.09 -14.98
C SER A 152 -24.06 1.22 -13.90
N VAL A 153 -25.37 1.36 -13.67
CA VAL A 153 -26.10 0.56 -12.69
C VAL A 153 -27.40 0.06 -13.29
N ASP A 154 -27.89 -1.06 -12.75
CA ASP A 154 -29.14 -1.67 -13.24
C ASP A 154 -30.38 -0.98 -12.71
N GLY A 155 -30.27 -0.22 -11.63
CA GLY A 155 -31.42 0.39 -11.04
C GLY A 155 -31.02 1.41 -9.99
N PRO A 156 -31.98 2.22 -9.56
CA PRO A 156 -31.67 3.28 -8.60
C PRO A 156 -31.36 2.73 -7.21
N VAL A 157 -30.49 3.47 -6.52
CA VAL A 157 -30.20 3.22 -5.11
C VAL A 157 -31.44 3.50 -4.27
N THR A 158 -31.70 2.65 -3.27
CA THR A 158 -32.97 2.65 -2.54
C THR A 158 -33.12 3.80 -1.55
N THR A 159 -32.03 4.38 -1.06
CA THR A 159 -32.10 5.41 -0.04
C THR A 159 -31.30 6.62 -0.49
N GLY A 160 -31.70 7.79 0.00
CA GLY A 160 -31.07 9.04 -0.37
C GLY A 160 -29.67 9.21 0.19
N PRO A 161 -28.96 10.21 -0.29
CA PRO A 161 -27.53 10.32 0.03
C PRO A 161 -27.30 10.92 1.40
N VAL A 162 -26.19 10.50 2.01
CA VAL A 162 -25.67 11.13 3.22
C VAL A 162 -24.60 12.14 2.83
N TRP A 163 -24.81 13.41 3.14
CA TRP A 163 -23.80 14.43 2.94
C TRP A 163 -22.83 14.42 4.11
N VAL A 164 -21.54 14.25 3.82
CA VAL A 164 -20.49 14.21 4.83
C VAL A 164 -19.80 15.56 4.88
N LEU A 165 -19.85 16.22 6.03
CA LEU A 165 -19.26 17.53 6.27
C LEU A 165 -18.12 17.34 7.28
N ALA A 166 -16.91 17.12 6.77
CA ALA A 166 -15.74 16.97 7.62
C ALA A 166 -14.82 18.16 7.42
N GLY A 167 -13.59 17.95 6.95
CA GLY A 167 -12.76 19.08 6.60
C GLY A 167 -11.35 19.06 7.17
N PHE A 168 -11.16 18.45 8.34
CA PHE A 168 -9.84 18.42 8.94
C PHE A 168 -8.81 17.84 7.97
N GLY A 169 -7.71 18.56 7.79
CA GLY A 169 -6.64 18.03 6.96
C GLY A 169 -6.92 18.08 5.47
N ALA A 170 -8.00 18.73 5.05
CA ALA A 170 -8.31 18.79 3.63
C ALA A 170 -7.82 20.07 2.97
N GLN A 171 -7.34 21.03 3.75
CA GLN A 171 -7.04 22.35 3.20
C GLN A 171 -5.80 22.33 2.33
N HIS A 172 -5.75 23.25 1.37
CA HIS A 172 -4.55 23.54 0.61
C HIS A 172 -4.63 24.96 0.11
N ARG A 173 -3.48 25.46 -0.36
CA ARG A 173 -3.31 26.90 -0.60
C ARG A 173 -4.39 27.50 -1.49
N LYS A 174 -4.64 26.87 -2.64
CA LYS A 174 -5.50 27.47 -3.65
C LYS A 174 -6.92 26.92 -3.63
N MET A 175 -7.34 26.28 -2.53
CA MET A 175 -8.64 25.62 -2.50
C MET A 175 -9.79 26.59 -2.81
N GLY A 176 -10.68 26.18 -3.69
CA GLY A 176 -11.87 26.96 -3.99
C GLY A 176 -11.67 28.08 -5.00
N LYS A 177 -10.42 28.47 -5.29
CA LYS A 177 -10.19 29.66 -6.13
C LYS A 177 -10.64 29.42 -7.56
N SER A 178 -10.26 28.29 -8.13
CA SER A 178 -10.61 27.98 -9.51
C SER A 178 -12.11 27.96 -9.72
N LEU A 179 -12.85 27.27 -8.84
CA LEU A 179 -14.30 27.20 -8.99
C LEU A 179 -14.96 28.54 -8.73
N TYR A 180 -14.40 29.33 -7.80
CA TYR A 180 -14.92 30.68 -7.56
C TYR A 180 -14.87 31.53 -8.83
N LEU A 181 -13.75 31.50 -9.57
CA LEU A 181 -13.65 32.33 -10.75
C LEU A 181 -14.51 31.83 -11.89
N ARG A 182 -14.84 30.54 -11.91
CA ARG A 182 -15.44 29.93 -13.09
C ARG A 182 -16.89 29.51 -12.91
N ASN A 183 -17.46 29.61 -11.72
CA ASN A 183 -18.85 29.17 -11.50
C ASN A 183 -19.57 30.25 -10.72
N GLU A 184 -20.60 30.84 -11.33
CA GLU A 184 -21.24 32.01 -10.73
C GLU A 184 -22.10 31.65 -9.53
N VAL A 185 -22.68 30.45 -9.49
CA VAL A 185 -23.49 30.08 -8.33
C VAL A 185 -22.59 29.88 -7.11
N PHE A 186 -21.57 29.04 -7.25
CA PHE A 186 -20.55 28.87 -6.22
C PHE A 186 -20.00 30.22 -5.77
N ALA A 187 -19.65 31.09 -6.72
CA ALA A 187 -19.11 32.40 -6.38
C ALA A 187 -20.09 33.19 -5.53
N ALA A 188 -21.37 33.18 -5.90
CA ALA A 188 -22.36 33.98 -5.17
C ALA A 188 -22.47 33.52 -3.71
N TRP A 189 -22.36 32.21 -3.49
CA TRP A 189 -22.48 31.73 -2.11
C TRP A 189 -21.22 31.98 -1.30
N ILE A 190 -20.05 31.83 -1.94
CA ILE A 190 -18.80 32.20 -1.28
C ILE A 190 -18.86 33.65 -0.82
N GLU A 191 -19.36 34.54 -1.68
CA GLU A 191 -19.44 35.95 -1.31
C GLU A 191 -20.45 36.17 -0.18
N LYS A 192 -21.51 35.36 -0.13
CA LYS A 192 -22.47 35.50 0.96
C LYS A 192 -21.84 35.14 2.30
N VAL A 193 -21.10 34.03 2.34
CA VAL A 193 -20.41 33.66 3.58
C VAL A 193 -19.29 34.65 3.88
N ASP A 194 -18.56 35.10 2.84
CA ASP A 194 -17.52 36.09 3.06
C ASP A 194 -18.06 37.33 3.77
N ALA A 195 -19.32 37.70 3.49
CA ALA A 195 -19.89 38.88 4.14
C ALA A 195 -20.22 38.62 5.60
N LEU A 196 -20.83 37.47 5.90
CA LEU A 196 -21.14 37.12 7.28
C LEU A 196 -19.88 37.00 8.13
N VAL A 197 -18.82 36.41 7.57
CA VAL A 197 -17.59 36.25 8.33
C VAL A 197 -16.91 37.62 8.52
N GLN A 198 -16.94 38.47 7.50
CA GLN A 198 -16.49 39.86 7.68
C GLN A 198 -17.20 40.49 8.86
N ASP A 199 -18.52 40.31 8.94
CA ASP A 199 -19.29 40.93 10.01
C ASP A 199 -18.94 40.33 11.37
N GLU A 200 -18.64 39.03 11.42
CA GLU A 200 -18.42 38.37 12.71
C GLU A 200 -16.98 38.56 13.20
N LEU A 201 -15.99 38.43 12.32
CA LEU A 201 -14.61 38.39 12.73
C LEU A 201 -13.76 39.53 12.19
N GLY A 202 -14.23 40.25 11.18
CA GLY A 202 -13.56 41.45 10.73
C GLY A 202 -12.51 41.25 9.67
N TYR A 203 -12.55 40.15 8.92
CA TYR A 203 -11.61 39.96 7.83
C TYR A 203 -12.31 39.18 6.72
N SER A 204 -11.72 39.21 5.53
CA SER A 204 -12.34 38.64 4.34
C SER A 204 -11.73 37.28 4.04
N VAL A 205 -12.59 36.27 3.97
CA VAL A 205 -12.18 34.92 3.55
C VAL A 205 -11.92 34.88 2.05
N LEU A 206 -12.66 35.68 1.29
CA LEU A 206 -12.43 35.71 -0.15
C LEU A 206 -11.02 36.19 -0.49
N GLU A 207 -10.48 37.15 0.29
CA GLU A 207 -9.11 37.58 0.06
C GLU A 207 -8.13 36.42 0.21
N LEU A 208 -8.35 35.56 1.22
CA LEU A 208 -7.47 34.41 1.42
C LEU A 208 -7.58 33.45 0.25
N ILE A 209 -8.81 33.22 -0.22
CA ILE A 209 -9.01 32.32 -1.35
C ILE A 209 -8.28 32.82 -2.59
N LEU A 210 -8.35 34.14 -2.87
CA LEU A 210 -7.83 34.68 -4.13
C LEU A 210 -6.33 35.04 -4.10
N ASP A 211 -5.75 35.27 -2.92
CA ASP A 211 -4.33 35.63 -2.81
C ASP A 211 -3.50 34.36 -2.65
N ASP A 212 -2.78 33.99 -3.72
CA ASP A 212 -1.97 32.79 -3.71
C ASP A 212 -0.83 32.85 -2.69
N ALA A 213 -0.43 34.04 -2.25
CA ALA A 213 0.69 34.14 -1.30
C ALA A 213 0.26 33.83 0.14
N GLN A 214 -1.04 33.73 0.42
CA GLN A 214 -1.51 33.48 1.77
C GLN A 214 -1.82 32.00 1.94
N ASP A 215 -1.54 31.49 3.13
CA ASP A 215 -1.91 30.12 3.48
C ASP A 215 -2.74 30.14 4.75
N TYR A 216 -3.17 28.96 5.17
CA TYR A 216 -4.20 28.81 6.17
C TYR A 216 -3.62 28.34 7.49
N GLY A 217 -4.11 28.92 8.59
CA GLY A 217 -3.81 28.47 9.93
C GLY A 217 -5.01 27.83 10.58
N ILE A 218 -4.92 27.65 11.89
CA ILE A 218 -5.96 26.91 12.60
C ILE A 218 -7.30 27.64 12.49
N GLU A 219 -7.29 28.96 12.69
CA GLU A 219 -8.55 29.70 12.59
C GLU A 219 -9.04 29.78 11.14
N THR A 220 -8.22 30.32 10.24
CA THR A 220 -8.70 30.58 8.88
C THR A 220 -9.01 29.30 8.11
N THR A 221 -8.33 28.18 8.43
CA THR A 221 -8.70 26.93 7.78
C THR A 221 -10.19 26.62 8.00
N GLN A 222 -10.66 26.80 9.23
CA GLN A 222 -12.01 26.37 9.58
C GLN A 222 -13.07 27.24 8.89
N VAL A 223 -12.89 28.57 8.92
CA VAL A 223 -13.93 29.42 8.34
C VAL A 223 -13.90 29.34 6.82
N THR A 224 -12.72 29.13 6.23
CA THR A 224 -12.65 29.06 4.76
C THR A 224 -13.22 27.74 4.25
N ILE A 225 -12.92 26.63 4.92
CA ILE A 225 -13.52 25.35 4.52
C ILE A 225 -15.03 25.39 4.70
N PHE A 226 -15.50 25.97 5.81
CA PHE A 226 -16.93 26.22 5.99
C PHE A 226 -17.53 26.94 4.79
N ALA A 227 -16.89 28.04 4.37
CA ALA A 227 -17.42 28.80 3.24
C ALA A 227 -17.47 27.94 1.99
N ILE A 228 -16.45 27.11 1.78
CA ILE A 228 -16.42 26.24 0.61
C ILE A 228 -17.50 25.15 0.73
N GLN A 229 -17.70 24.64 1.94
CA GLN A 229 -18.75 23.64 2.15
C GLN A 229 -20.13 24.24 1.87
N ILE A 230 -20.40 25.44 2.41
CA ILE A 230 -21.70 26.07 2.19
C ILE A 230 -21.94 26.22 0.69
N ALA A 231 -20.94 26.75 -0.01
CA ALA A 231 -21.11 27.08 -1.43
C ALA A 231 -21.20 25.83 -2.28
N LEU A 232 -20.48 24.76 -1.93
CA LEU A 232 -20.56 23.52 -2.71
C LEU A 232 -21.94 22.89 -2.61
N GLY A 233 -22.53 22.92 -1.43
CA GLY A 233 -23.80 22.25 -1.23
C GLY A 233 -24.92 23.04 -1.85
N GLU A 234 -24.85 24.36 -1.72
CA GLU A 234 -25.84 25.19 -2.38
C GLU A 234 -25.74 25.10 -3.89
N LEU A 235 -24.52 24.94 -4.42
CA LEU A 235 -24.37 24.68 -5.85
C LEU A 235 -25.10 23.41 -6.23
N LEU A 236 -24.90 22.34 -5.45
CA LEU A 236 -25.61 21.08 -5.72
C LEU A 236 -27.12 21.29 -5.64
N ARG A 237 -27.59 22.04 -4.63
CA ARG A 237 -29.02 22.28 -4.50
C ARG A 237 -29.55 23.02 -5.72
N HIS A 238 -28.74 23.94 -6.27
CA HIS A 238 -29.14 24.68 -7.45
C HIS A 238 -29.41 23.74 -8.63
N HIS A 239 -28.76 22.58 -8.66
CA HIS A 239 -28.96 21.62 -9.74
C HIS A 239 -29.95 20.53 -9.35
N GLY A 240 -30.67 20.70 -8.26
CA GLY A 240 -31.74 19.79 -7.91
C GLY A 240 -31.45 18.81 -6.79
N ALA A 241 -30.22 18.75 -6.30
CA ALA A 241 -29.88 17.70 -5.33
C ALA A 241 -30.24 18.13 -3.92
N LYS A 242 -30.26 17.16 -3.01
CA LYS A 242 -30.56 17.41 -1.62
C LYS A 242 -30.13 16.23 -0.76
N PRO A 243 -29.72 16.48 0.47
CA PRO A 243 -29.35 15.37 1.37
C PRO A 243 -30.58 14.69 1.94
N ALA A 244 -30.55 13.36 1.97
CA ALA A 244 -31.47 12.63 2.82
C ALA A 244 -31.06 12.75 4.29
N ALA A 245 -29.76 12.76 4.57
CA ALA A 245 -29.25 12.95 5.90
C ALA A 245 -27.87 13.61 5.81
N VAL A 246 -27.42 14.18 6.93
CA VAL A 246 -26.11 14.79 7.05
C VAL A 246 -25.33 14.09 8.15
N ILE A 247 -24.00 14.17 8.07
CA ILE A 247 -23.15 13.76 9.19
C ILE A 247 -21.95 14.69 9.22
N GLY A 248 -21.63 15.19 10.41
CA GLY A 248 -20.50 16.07 10.57
C GLY A 248 -19.30 15.46 11.25
N GLN A 249 -18.14 16.08 11.06
CA GLN A 249 -16.93 15.68 11.73
C GLN A 249 -16.11 16.91 12.03
CA LEU A 251 -15.11 21.52 11.99
C LEU A 251 -16.30 21.61 11.04
N GLY A 252 -16.65 20.49 10.41
CA GLY A 252 -17.76 20.43 9.48
C GLY A 252 -19.14 20.43 10.14
N GLU A 253 -19.22 20.24 11.45
CA GLU A 253 -20.52 20.18 12.13
C GLU A 253 -21.35 21.44 11.85
N ALA A 254 -20.70 22.62 11.83
CA ALA A 254 -21.43 23.86 11.57
C ALA A 254 -22.16 23.82 10.23
N ALA A 255 -21.47 23.43 9.17
CA ALA A 255 -22.14 23.35 7.87
C ALA A 255 -23.18 22.24 7.84
N SER A 256 -22.95 21.14 8.56
CA SER A 256 -23.95 20.10 8.58
C SER A 256 -25.24 20.61 9.21
N ALA A 257 -25.11 21.46 10.24
CA ALA A 257 -26.29 22.02 10.89
C ALA A 257 -27.08 22.89 9.93
N TYR A 258 -26.38 23.65 9.08
CA TYR A 258 -27.06 24.48 8.10
C TYR A 258 -27.81 23.63 7.08
N PHE A 259 -27.13 22.63 6.49
CA PHE A 259 -27.79 21.83 5.47
C PHE A 259 -28.87 20.93 6.04
N ALA A 260 -28.81 20.62 7.33
CA ALA A 260 -29.89 19.88 7.99
C ALA A 260 -31.06 20.79 8.38
N GLY A 261 -30.97 22.10 8.13
CA GLY A 261 -32.01 23.02 8.55
C GLY A 261 -32.09 23.22 10.05
N GLY A 262 -31.01 22.96 10.77
CA GLY A 262 -30.97 23.15 12.20
C GLY A 262 -30.53 24.53 12.66
N LEU A 263 -29.90 25.30 11.76
CA LEU A 263 -29.58 26.69 12.02
C LEU A 263 -29.63 27.46 10.70
N SER A 264 -30.01 28.72 10.80
CA SER A 264 -29.83 29.63 9.69
C SER A 264 -28.35 29.74 9.30
N LEU A 265 -28.12 30.24 8.09
CA LEU A 265 -26.74 30.45 7.65
C LEU A 265 -26.01 31.41 8.59
N ARG A 266 -26.72 32.43 9.10
CA ARG A 266 -26.10 33.37 10.02
C ARG A 266 -25.64 32.67 11.29
N ASP A 267 -26.49 31.83 11.88
CA ASP A 267 -26.13 31.18 13.15
C ASP A 267 -25.15 30.03 12.93
N ALA A 268 -25.17 29.38 11.76
CA ALA A 268 -24.12 28.41 11.48
C ALA A 268 -22.77 29.11 11.38
N THR A 269 -22.77 30.31 10.79
CA THR A 269 -21.55 31.11 10.69
C THR A 269 -21.09 31.58 12.07
N ARG A 270 -22.01 31.96 12.95
CA ARG A 270 -21.59 32.28 14.32
C ARG A 270 -20.97 31.05 14.98
N ALA A 271 -21.49 29.86 14.70
CA ALA A 271 -20.95 28.64 15.29
C ALA A 271 -19.51 28.40 14.85
N ILE A 272 -19.25 28.46 13.53
CA ILE A 272 -17.90 28.21 13.07
C ILE A 272 -16.96 29.36 13.45
N CYS A 273 -17.45 30.60 13.42
CA CYS A 273 -16.58 31.72 13.76
C CYS A 273 -16.17 31.70 15.22
N SER A 274 -17.12 31.41 16.12
CA SER A 274 -16.79 31.44 17.53
C SER A 274 -15.77 30.35 17.88
N ARG A 275 -15.99 29.12 17.40
CA ARG A 275 -15.06 28.03 17.68
CA ARG A 275 -15.07 28.05 17.70
C ARG A 275 -13.70 28.29 17.06
N SER A 276 -13.66 28.79 15.80
CA SER A 276 -12.40 28.90 15.09
CA SER A 276 -12.40 28.90 15.09
C SER A 276 -11.46 29.89 15.77
N HIS A 277 -11.95 31.11 16.06
CA HIS A 277 -11.02 32.10 16.59
C HIS A 277 -10.63 31.79 18.02
N LEU A 278 -11.50 31.14 18.80
CA LEU A 278 -11.09 30.72 20.14
C LEU A 278 -10.01 29.66 20.07
N MET A 279 -10.11 28.72 19.14
CA MET A 279 -9.10 27.66 19.04
C MET A 279 -7.77 28.22 18.55
N GLY A 280 -7.82 29.10 17.55
CA GLY A 280 -6.58 29.66 17.01
C GLY A 280 -5.85 30.51 18.03
N GLU A 281 -6.59 31.33 18.79
CA GLU A 281 -5.95 32.20 19.77
C GLU A 281 -5.48 31.41 20.97
N GLY A 282 -6.22 30.37 21.36
CA GLY A 282 -5.76 29.52 22.45
C GLY A 282 -4.53 28.71 22.06
N GLU A 283 -4.56 28.10 20.87
CA GLU A 283 -3.43 27.28 20.43
C GLU A 283 -2.16 28.11 20.29
N ALA A 284 -2.30 29.39 19.93
CA ALA A 284 -1.13 30.23 19.70
C ALA A 284 -0.42 30.62 20.98
N MET A 285 -1.09 30.57 22.13
CA MET A 285 -0.43 30.86 23.40
CA MET A 285 -0.47 30.87 23.41
C MET A 285 0.07 29.62 24.12
N LEU A 286 0.06 28.46 23.45
CA LEU A 286 0.48 27.19 24.05
C LEU A 286 1.98 26.95 23.82
N PHE A 287 2.73 26.80 24.91
CA PHE A 287 4.14 26.41 24.84
C PHE A 287 4.49 25.52 26.03
N GLY A 288 5.54 24.72 25.87
CA GLY A 288 6.12 24.01 27.00
C GLY A 288 5.24 22.88 27.52
N GLU A 289 5.05 22.85 28.84
CA GLU A 289 4.25 21.81 29.50
C GLU A 289 2.77 21.88 29.14
N TYR A 290 2.34 22.94 28.47
CA TYR A 290 0.93 23.11 28.16
C TYR A 290 0.59 22.65 26.76
N ILE A 291 1.59 22.25 25.97
CA ILE A 291 1.34 21.75 24.64
C ILE A 291 0.63 20.41 24.75
N ARG A 292 -0.33 20.18 23.86
CA ARG A 292 -1.05 18.92 23.75
C ARG A 292 -1.06 18.52 22.28
N LEU A 293 -0.58 17.33 21.96
CA LEU A 293 -0.50 16.86 20.59
C LEU A 293 -1.71 16.01 20.22
N MET A 294 -1.95 15.89 18.91
CA MET A 294 -2.95 15.01 18.32
C MET A 294 -2.24 14.04 17.39
N ALA A 295 -2.66 12.77 17.42
CA ALA A 295 -2.05 11.77 16.57
C ALA A 295 -3.07 10.71 16.17
N LEU A 296 -2.89 10.17 14.96
CA LEU A 296 -3.68 9.06 14.48
C LEU A 296 -2.98 7.76 14.84
N VAL A 297 -3.72 6.79 15.38
CA VAL A 297 -3.18 5.47 15.66
C VAL A 297 -4.15 4.42 15.15
N GLU A 298 -3.59 3.29 14.71
CA GLU A 298 -4.37 2.17 14.20
C GLU A 298 -4.81 1.25 15.34
N TYR A 299 -5.64 1.81 16.22
CA TYR A 299 -6.29 1.07 17.30
C TYR A 299 -7.80 1.28 17.20
N SER A 300 -8.56 0.22 17.48
CA SER A 300 -10.00 0.36 17.57
C SER A 300 -10.39 0.96 18.92
N ALA A 301 -11.68 1.31 19.06
CA ALA A 301 -12.17 1.81 20.35
C ALA A 301 -11.93 0.80 21.47
N ASP A 302 -12.09 -0.49 21.17
CA ASP A 302 -11.87 -1.52 22.18
C ASP A 302 -10.41 -1.63 22.57
N GLU A 303 -9.51 -1.61 21.60
CA GLU A 303 -8.08 -1.67 21.90
C GLU A 303 -7.63 -0.43 22.68
N ILE A 304 -8.15 0.74 22.30
CA ILE A 304 -7.79 1.98 22.98
C ILE A 304 -8.12 1.88 24.46
N ARG A 305 -9.28 1.30 24.80
CA ARG A 305 -9.67 1.14 26.19
C ARG A 305 -8.58 0.45 27.00
N GLU A 306 -8.04 -0.66 26.48
CA GLU A 306 -6.98 -1.36 27.21
C GLU A 306 -5.65 -0.62 27.09
N VAL A 307 -5.35 -0.08 25.91
CA VAL A 307 -4.06 0.60 25.71
C VAL A 307 -3.94 1.81 26.63
N PHE A 308 -5.03 2.56 26.83
CA PHE A 308 -4.98 3.78 27.63
C PHE A 308 -4.71 3.53 29.11
N SER A 309 -4.80 2.29 29.58
CA SER A 309 -4.52 2.04 30.99
C SER A 309 -3.07 2.35 31.34
N ASP A 310 -2.19 2.41 30.35
CA ASP A 310 -0.78 2.76 30.56
C ASP A 310 -0.52 4.25 30.39
N PHE A 311 -1.50 5.02 29.90
CA PHE A 311 -1.34 6.43 29.54
C PHE A 311 -2.48 7.24 30.14
N PRO A 312 -2.37 7.66 31.40
CA PRO A 312 -3.54 8.19 32.10
C PRO A 312 -4.05 9.54 31.59
N ASP A 313 -3.29 10.26 30.76
CA ASP A 313 -3.74 11.57 30.31
C ASP A 313 -4.19 11.62 28.85
N LEU A 314 -4.14 10.51 28.12
CA LEU A 314 -4.64 10.49 26.76
C LEU A 314 -6.16 10.46 26.74
N GLU A 315 -6.73 11.12 25.74
CA GLU A 315 -8.17 11.12 25.46
C GLU A 315 -8.37 10.83 23.97
N VAL A 316 -9.57 10.38 23.62
CA VAL A 316 -9.92 10.15 22.21
C VAL A 316 -10.48 11.44 21.63
N CYS A 317 -9.91 11.88 20.51
CA CYS A 317 -10.44 13.03 19.80
C CYS A 317 -11.54 12.62 18.83
N VAL A 318 -11.24 11.66 17.95
CA VAL A 318 -12.17 11.20 16.93
C VAL A 318 -12.05 9.69 16.81
N TYR A 319 -13.18 8.99 16.92
CA TYR A 319 -13.26 7.61 16.43
C TYR A 319 -13.53 7.68 14.94
N ALA A 320 -12.49 7.56 14.11
CA ALA A 320 -12.58 7.88 12.69
C ALA A 320 -12.98 6.69 11.81
N ALA A 321 -12.51 5.49 12.13
CA ALA A 321 -12.80 4.30 11.34
C ALA A 321 -12.69 3.11 12.29
N PRO A 322 -13.11 1.91 11.86
CA PRO A 322 -13.12 0.79 12.81
C PRO A 322 -11.79 0.56 13.55
N THR A 323 -10.65 0.73 12.88
CA THR A 323 -9.34 0.62 13.53
C THR A 323 -8.49 1.87 13.29
N GLN A 324 -9.10 3.06 13.28
CA GLN A 324 -8.35 4.29 13.20
C GLN A 324 -8.92 5.24 14.24
N THR A 325 -8.09 5.65 15.19
CA THR A 325 -8.56 6.53 16.26
C THR A 325 -7.56 7.67 16.41
N VAL A 326 -8.07 8.90 16.52
CA VAL A 326 -7.23 10.05 16.76
C VAL A 326 -7.26 10.36 18.26
N ILE A 327 -6.08 10.35 18.87
CA ILE A 327 -5.91 10.54 20.30
C ILE A 327 -5.19 11.86 20.53
N GLY A 328 -5.29 12.36 21.77
CA GLY A 328 -4.66 13.61 22.12
C GLY A 328 -4.23 13.59 23.57
N GLY A 329 -3.17 14.34 23.89
CA GLY A 329 -2.68 14.44 25.25
C GLY A 329 -1.26 14.95 25.35
N PRO A 330 -0.67 14.87 26.54
CA PRO A 330 0.71 15.37 26.74
C PRO A 330 1.68 14.73 25.77
N PRO A 331 2.66 15.49 25.29
CA PRO A 331 3.55 14.97 24.24
C PRO A 331 4.30 13.71 24.63
N GLU A 332 4.76 13.58 25.87
CA GLU A 332 5.49 12.36 26.23
C GLU A 332 4.61 11.12 26.08
N GLN A 333 3.32 11.22 26.46
CA GLN A 333 2.43 10.06 26.35
C GLN A 333 2.00 9.81 24.91
N VAL A 334 1.87 10.87 24.11
CA VAL A 334 1.56 10.70 22.69
C VAL A 334 2.69 9.98 21.98
N ASP A 335 3.94 10.40 22.23
CA ASP A 335 5.09 9.71 21.64
C ASP A 335 5.15 8.26 22.08
N ALA A 336 4.78 7.96 23.33
CA ALA A 336 4.88 6.57 23.78
C ALA A 336 3.82 5.69 23.13
N ILE A 337 2.57 6.16 23.02
CA ILE A 337 1.58 5.32 22.35
C ILE A 337 1.94 5.15 20.88
N LEU A 338 2.53 6.18 20.26
CA LEU A 338 3.01 6.05 18.88
C LEU A 338 4.09 4.99 18.77
N ALA A 339 5.04 4.99 19.72
CA ALA A 339 6.10 3.97 19.69
C ALA A 339 5.54 2.59 19.95
N ARG A 340 4.54 2.49 20.84
CA ARG A 340 3.93 1.19 21.08
C ARG A 340 3.24 0.67 19.83
N ALA A 341 2.52 1.55 19.12
CA ALA A 341 1.81 1.06 17.95
C ALA A 341 2.77 0.62 16.86
N GLU A 342 3.80 1.42 16.60
CA GLU A 342 4.82 1.07 15.62
C GLU A 342 5.53 -0.23 15.99
N ALA A 343 5.76 -0.47 17.29
CA ALA A 343 6.39 -1.73 17.68
C ALA A 343 5.46 -2.92 17.49
N GLU A 344 4.15 -2.68 17.42
CA GLU A 344 3.17 -3.74 17.18
C GLU A 344 2.82 -3.87 15.71
N GLY A 345 3.50 -3.14 14.83
CA GLY A 345 3.19 -3.17 13.41
C GLY A 345 1.97 -2.39 12.98
N LYS A 346 1.51 -1.44 13.78
CA LYS A 346 0.36 -0.60 13.47
C LYS A 346 0.84 0.78 13.08
N PHE A 347 0.12 1.44 12.19
CA PHE A 347 0.61 2.75 11.78
C PHE A 347 0.15 3.83 12.76
N ALA A 348 0.94 4.90 12.82
CA ALA A 348 0.69 6.00 13.73
C ALA A 348 1.27 7.25 13.10
N ARG A 349 0.58 8.38 13.25
CA ARG A 349 1.02 9.59 12.58
C ARG A 349 0.62 10.80 13.41
N LYS A 350 1.61 11.63 13.72
CA LYS A 350 1.39 12.85 14.47
C LYS A 350 0.92 13.96 13.54
N PHE A 351 -0.03 14.77 14.01
CA PHE A 351 -0.56 15.92 13.28
C PHE A 351 0.13 17.18 13.74
N ALA A 352 -0.03 18.25 12.95
CA ALA A 352 0.67 19.52 13.21
C ALA A 352 -0.26 20.45 13.98
N THR A 353 -0.09 20.50 15.30
CA THR A 353 -0.87 21.37 16.16
C THR A 353 -0.28 21.31 17.56
N LYS A 354 -0.24 22.44 18.24
CA LYS A 354 0.23 22.47 19.62
C LYS A 354 -0.92 22.32 20.60
N GLY A 355 -2.16 22.22 20.10
CA GLY A 355 -3.32 22.04 20.95
C GLY A 355 -4.16 20.87 20.47
N ALA A 356 -4.97 20.34 21.38
CA ALA A 356 -5.75 19.14 21.09
C ALA A 356 -7.22 19.47 21.30
N SER A 357 -7.96 19.65 20.21
CA SER A 357 -9.39 19.82 20.34
C SER A 357 -10.03 18.50 20.74
N HIS A 358 -11.29 18.57 21.21
CA HIS A 358 -12.00 17.40 21.71
C HIS A 358 -11.24 16.72 22.85
N THR A 359 -10.53 17.52 23.64
CA THR A 359 -9.90 17.09 24.88
C THR A 359 -10.14 18.14 25.95
N SER A 360 -9.72 17.79 27.18
CA SER A 360 -9.95 18.64 28.33
C SER A 360 -9.21 19.96 28.23
N GLN A 361 -8.24 20.07 27.32
CA GLN A 361 -7.57 21.34 27.09
C GLN A 361 -8.53 22.42 26.59
N MET A 362 -9.70 22.02 26.07
CA MET A 362 -10.71 22.99 25.62
C MET A 362 -11.48 23.63 26.76
N ASP A 363 -11.39 23.09 27.98
CA ASP A 363 -12.18 23.62 29.09
C ASP A 363 -12.04 25.13 29.30
N PRO A 364 -10.85 25.74 29.22
CA PRO A 364 -10.77 27.21 29.37
C PRO A 364 -11.58 28.00 28.35
N LEU A 365 -11.87 27.44 27.18
CA LEU A 365 -12.57 28.18 26.13
C LEU A 365 -14.08 28.15 26.28
N LEU A 366 -14.60 27.20 27.06
CA LEU A 366 -16.03 26.88 26.97
C LEU A 366 -16.90 28.02 27.48
N GLY A 367 -16.46 28.70 28.55
CA GLY A 367 -17.23 29.83 29.06
C GLY A 367 -17.38 30.94 28.04
N GLU A 368 -16.29 31.25 27.31
CA GLU A 368 -16.34 32.31 26.30
C GLU A 368 -17.10 31.88 25.05
N LEU A 369 -16.95 30.62 24.64
CA LEU A 369 -17.81 30.08 23.59
C LEU A 369 -19.29 30.24 23.97
N THR A 370 -19.63 29.94 25.23
CA THR A 370 -21.00 30.09 25.70
C THR A 370 -21.49 31.50 25.49
N ALA A 371 -20.67 32.49 25.88
CA ALA A 371 -21.07 33.88 25.78
C ALA A 371 -21.25 34.31 24.33
N GLU A 372 -20.33 33.91 23.45
CA GLU A 372 -20.38 34.37 22.06
C GLU A 372 -21.55 33.78 21.28
N LEU A 373 -22.11 32.65 21.72
CA LEU A 373 -23.17 32.01 20.96
C LEU A 373 -24.55 32.35 21.47
N GLN A 374 -24.66 33.17 22.51
CA GLN A 374 -25.98 33.60 22.99
C GLN A 374 -26.73 34.26 21.85
N GLY A 375 -27.99 33.85 21.67
CA GLY A 375 -28.83 34.44 20.64
C GLY A 375 -29.09 33.55 19.46
N ILE A 376 -28.38 32.43 19.32
CA ILE A 376 -28.63 31.56 18.18
C ILE A 376 -29.97 30.85 18.38
N LYS A 377 -30.61 30.51 17.26
CA LYS A 377 -31.95 29.93 17.27
C LYS A 377 -31.94 28.55 16.64
N PRO A 378 -31.84 27.48 17.44
CA PRO A 378 -31.92 26.13 16.87
C PRO A 378 -33.31 25.85 16.34
N THR A 379 -33.37 25.25 15.16
CA THR A 379 -34.62 24.92 14.51
C THR A 379 -34.72 23.42 14.28
N SER A 380 -35.93 22.98 13.94
CA SER A 380 -36.20 21.56 13.73
C SER A 380 -35.57 21.09 12.41
N PRO A 381 -34.82 20.00 12.40
CA PRO A 381 -34.13 19.59 11.18
C PRO A 381 -35.09 19.22 10.05
N THR A 382 -34.70 19.55 8.82
CA THR A 382 -35.48 19.24 7.63
C THR A 382 -34.95 18.01 6.88
N CYS A 383 -33.85 17.43 7.33
CA CYS A 383 -33.45 16.09 6.89
C CYS A 383 -32.86 15.37 8.11
N GLY A 384 -32.50 14.12 7.94
CA GLY A 384 -31.95 13.37 9.05
C GLY A 384 -30.58 13.87 9.44
N ILE A 385 -30.20 13.57 10.69
CA ILE A 385 -28.90 13.94 11.23
C ILE A 385 -28.32 12.74 11.93
N PHE A 386 -27.15 12.28 11.47
CA PHE A 386 -26.33 11.37 12.27
C PHE A 386 -25.36 12.24 13.06
N SER A 387 -25.60 12.34 14.36
CA SER A 387 -24.89 13.29 15.22
C SER A 387 -23.68 12.62 15.84
N THR A 388 -22.49 12.96 15.34
CA THR A 388 -21.24 12.46 15.91
C THR A 388 -20.90 13.15 17.23
N VAL A 389 -21.57 14.26 17.56
CA VAL A 389 -21.48 14.83 18.91
C VAL A 389 -22.24 13.94 19.90
N HIS A 390 -23.46 13.55 19.57
CA HIS A 390 -24.26 12.66 20.41
C HIS A 390 -24.04 11.19 20.04
N GLU A 391 -22.77 10.78 20.16
CA GLU A 391 -22.39 9.38 20.10
C GLU A 391 -22.80 8.69 18.80
N GLY A 392 -23.11 9.44 17.74
CA GLY A 392 -23.47 8.85 16.48
C GLY A 392 -24.93 8.52 16.29
N ARG A 393 -25.80 8.93 17.21
CA ARG A 393 -27.20 8.56 17.10
C ARG A 393 -27.93 9.40 16.06
N TYR A 394 -29.09 8.92 15.64
CA TYR A 394 -29.85 9.52 14.56
C TYR A 394 -30.99 10.38 15.09
N ILE A 395 -31.17 11.55 14.47
CA ILE A 395 -32.30 12.43 14.71
C ILE A 395 -33.07 12.54 13.41
N LYS A 396 -34.40 12.33 13.46
CA LYS A 396 -35.26 12.27 12.29
C LYS A 396 -35.63 13.68 11.82
N PRO A 397 -35.94 13.84 10.53
CA PRO A 397 -36.48 15.14 10.07
C PRO A 397 -37.72 15.48 10.87
N GLY A 398 -37.87 16.76 11.22
CA GLY A 398 -38.97 17.19 12.05
C GLY A 398 -38.80 16.91 13.53
N GLY A 399 -37.70 16.29 13.94
CA GLY A 399 -37.44 16.11 15.35
C GLY A 399 -37.26 17.43 16.08
N GLU A 400 -37.06 17.30 17.37
CA GLU A 400 -36.75 18.46 18.20
C GLU A 400 -35.40 19.04 17.80
N PRO A 401 -35.21 20.36 17.95
CA PRO A 401 -33.90 20.94 17.62
C PRO A 401 -32.78 20.36 18.48
N ILE A 402 -31.58 20.31 17.90
CA ILE A 402 -30.40 19.89 18.67
C ILE A 402 -29.32 20.94 18.77
N HIS A 403 -29.27 21.93 17.89
CA HIS A 403 -28.06 22.76 17.75
C HIS A 403 -28.02 23.95 18.70
N ASP A 404 -28.32 23.74 19.98
CA ASP A 404 -28.28 24.84 20.93
C ASP A 404 -26.83 25.09 21.38
N VAL A 405 -26.65 26.14 22.20
CA VAL A 405 -25.32 26.52 22.68
C VAL A 405 -24.58 25.33 23.31
N GLU A 406 -25.29 24.50 24.08
CA GLU A 406 -24.65 23.35 24.74
C GLU A 406 -24.12 22.34 23.73
N TYR A 407 -24.80 22.21 22.58
CA TYR A 407 -24.33 21.30 21.55
C TYR A 407 -22.92 21.67 21.09
N TRP A 408 -22.67 22.97 20.85
CA TRP A 408 -21.38 23.40 20.31
C TRP A 408 -20.29 23.32 21.36
N LYS A 409 -20.65 23.54 22.64
CA LYS A 409 -19.71 23.29 23.73
C LYS A 409 -19.35 21.81 23.82
N LYS A 410 -20.36 20.93 23.84
CA LYS A 410 -20.10 19.51 23.92
C LYS A 410 -19.31 19.02 22.71
N GLY A 411 -19.66 19.50 21.52
CA GLY A 411 -18.92 19.08 20.34
C GLY A 411 -17.46 19.47 20.39
N LEU A 412 -17.15 20.68 20.86
CA LEU A 412 -15.76 21.11 20.91
C LEU A 412 -15.00 20.34 21.98
N ARG A 413 -15.67 19.94 23.05
CA ARG A 413 -14.97 19.38 24.20
C ARG A 413 -14.84 17.87 24.13
N HIS A 414 -15.75 17.17 23.47
CA HIS A 414 -15.83 15.72 23.59
C HIS A 414 -15.55 15.02 22.26
N SER A 415 -15.31 13.71 22.36
CA SER A 415 -14.94 12.87 21.22
C SER A 415 -15.96 12.99 20.09
N VAL A 416 -15.47 12.77 18.87
CA VAL A 416 -16.30 12.76 17.67
C VAL A 416 -16.54 11.30 17.30
N TYR A 417 -17.79 10.85 17.37
CA TYR A 417 -18.11 9.45 17.08
C TYR A 417 -18.45 9.28 15.60
N PHE A 418 -17.42 9.47 14.76
CA PHE A 418 -17.61 9.46 13.32
C PHE A 418 -17.93 8.07 12.79
N THR A 419 -17.06 7.09 13.07
CA THR A 419 -17.30 5.73 12.57
C THR A 419 -18.64 5.18 13.08
N HIS A 420 -19.06 5.56 14.29
CA HIS A 420 -20.36 5.15 14.79
C HIS A 420 -21.51 5.76 13.99
N GLY A 421 -21.40 7.04 13.64
CA GLY A 421 -22.42 7.65 12.83
C GLY A 421 -22.55 6.99 11.47
N ILE A 422 -21.41 6.69 10.83
CA ILE A 422 -21.42 6.05 9.51
C ILE A 422 -22.02 4.65 9.59
N ARG A 423 -21.59 3.86 10.60
CA ARG A 423 -22.13 2.51 10.75
C ARG A 423 -23.62 2.55 11.02
N ASN A 424 -24.08 3.55 11.78
CA ASN A 424 -25.52 3.74 11.96
C ASN A 424 -26.21 4.07 10.63
N ALA A 425 -25.52 4.80 9.74
CA ALA A 425 -26.10 5.11 8.45
C ALA A 425 -26.18 3.86 7.57
N VAL A 426 -25.14 3.02 7.58
CA VAL A 426 -25.17 1.78 6.81
C VAL A 426 -26.28 0.87 7.33
N ASP A 427 -26.35 0.71 8.66
CA ASP A 427 -27.33 -0.19 9.26
C ASP A 427 -28.76 0.25 8.97
N SER A 428 -29.00 1.53 8.72
CA SER A 428 -30.33 2.00 8.37
C SER A 428 -30.57 2.09 6.85
N GLY A 429 -29.71 1.50 6.04
CA GLY A 429 -29.96 1.37 4.62
C GLY A 429 -29.27 2.36 3.70
N HIS A 430 -28.48 3.30 4.22
CA HIS A 430 -27.83 4.29 3.37
C HIS A 430 -26.60 3.67 2.70
N THR A 431 -26.46 3.91 1.40
CA THR A 431 -25.30 3.42 0.69
C THR A 431 -24.53 4.51 -0.05
N THR A 432 -25.13 5.67 -0.28
CA THR A 432 -24.46 6.76 -0.98
C THR A 432 -23.96 7.78 0.03
N PHE A 433 -22.65 8.04 0.02
CA PHE A 433 -22.04 9.03 0.89
C PHE A 433 -21.31 10.05 0.03
N LEU A 434 -21.69 11.32 0.16
CA LEU A 434 -21.17 12.39 -0.68
C LEU A 434 -20.45 13.39 0.21
N GLU A 435 -19.16 13.57 0.00
CA GLU A 435 -18.38 14.45 0.87
C GLU A 435 -18.19 15.82 0.22
N LEU A 436 -18.60 16.87 0.93
CA LEU A 436 -18.37 18.25 0.50
C LEU A 436 -17.07 18.71 1.16
N ALA A 437 -16.03 18.92 0.36
CA ALA A 437 -14.72 19.28 0.92
C ALA A 437 -13.79 19.71 -0.20
N PRO A 438 -12.73 20.45 0.13
CA PRO A 438 -11.69 20.75 -0.88
C PRO A 438 -10.81 19.56 -1.22
N ASN A 439 -10.92 18.45 -0.46
CA ASN A 439 -10.13 17.24 -0.64
C ASN A 439 -10.90 16.12 0.05
N PRO A 440 -11.09 14.94 -0.56
CA PRO A 440 -11.95 13.89 0.03
C PRO A 440 -11.25 13.04 1.09
N VAL A 441 -10.84 13.69 2.17
CA VAL A 441 -10.12 13.00 3.27
C VAL A 441 -11.05 12.03 3.99
N ALA A 442 -12.22 12.50 4.41
CA ALA A 442 -13.09 11.68 5.23
C ALA A 442 -13.72 10.53 4.46
N LEU A 443 -13.83 10.63 3.13
CA LEU A 443 -14.38 9.50 2.37
C LEU A 443 -13.51 8.26 2.52
N MET A 444 -12.20 8.43 2.71
CA MET A 444 -11.34 7.26 2.97
C MET A 444 -11.72 6.59 4.29
N GLN A 445 -12.06 7.39 5.31
CA GLN A 445 -12.54 6.82 6.57
C GLN A 445 -13.88 6.14 6.38
N VAL A 446 -14.80 6.78 5.65
CA VAL A 446 -16.13 6.22 5.40
C VAL A 446 -16.02 4.85 4.75
N ALA A 447 -15.14 4.74 3.74
CA ALA A 447 -14.97 3.48 3.03
C ALA A 447 -14.56 2.36 3.96
N LEU A 448 -13.74 2.66 4.97
CA LEU A 448 -13.34 1.64 5.92
C LEU A 448 -14.50 1.18 6.78
N THR A 449 -15.37 2.11 7.20
CA THR A 449 -16.51 1.70 8.02
C THR A 449 -17.55 0.94 7.19
N THR A 450 -17.85 1.40 5.97
CA THR A 450 -18.88 0.74 5.17
C THR A 450 -18.48 -0.71 4.88
N ALA A 451 -17.22 -0.91 4.45
CA ALA A 451 -16.74 -2.27 4.22
C ALA A 451 -16.83 -3.11 5.48
N ASP A 452 -16.52 -2.52 6.64
CA ASP A 452 -16.54 -3.30 7.88
C ASP A 452 -17.95 -3.63 8.33
N ALA A 453 -18.94 -2.82 7.94
CA ALA A 453 -20.33 -3.11 8.25
C ALA A 453 -20.98 -4.04 7.23
N GLY A 454 -20.20 -4.60 6.30
CA GLY A 454 -20.70 -5.54 5.33
C GLY A 454 -21.09 -4.94 4.00
N LEU A 455 -21.11 -3.62 3.86
CA LEU A 455 -21.49 -2.96 2.63
C LEU A 455 -20.26 -2.80 1.74
N HIS A 456 -20.15 -3.64 0.71
CA HIS A 456 -18.91 -3.68 -0.06
C HIS A 456 -18.96 -2.89 -1.36
N ASP A 457 -20.11 -2.33 -1.73
CA ASP A 457 -20.22 -1.51 -2.93
C ASP A 457 -20.96 -0.21 -2.65
N ALA A 458 -20.50 0.55 -1.66
CA ALA A 458 -21.13 1.84 -1.40
C ALA A 458 -20.84 2.81 -2.55
N GLN A 459 -21.65 3.86 -2.64
CA GLN A 459 -21.40 4.93 -3.58
C GLN A 459 -20.72 6.07 -2.82
N LEU A 460 -19.40 6.16 -2.99
CA LEU A 460 -18.58 7.15 -2.29
C LEU A 460 -18.25 8.27 -3.28
N ILE A 461 -18.95 9.39 -3.15
CA ILE A 461 -18.90 10.46 -4.13
C ILE A 461 -18.10 11.63 -3.55
N PRO A 462 -16.91 11.92 -4.06
CA PRO A 462 -16.18 13.11 -3.63
C PRO A 462 -16.74 14.37 -4.31
N THR A 463 -16.21 15.53 -3.90
CA THR A 463 -16.42 16.77 -4.64
C THR A 463 -15.08 17.28 -5.12
N LEU A 464 -14.49 18.29 -4.46
CA LEU A 464 -13.25 18.86 -4.99
C LEU A 464 -12.04 18.04 -4.54
N ALA A 465 -10.92 18.26 -5.23
CA ALA A 465 -9.68 17.56 -4.94
C ALA A 465 -8.52 18.39 -5.46
N ARG A 466 -7.44 18.46 -4.68
CA ARG A 466 -6.26 19.20 -5.08
C ARG A 466 -5.68 18.58 -6.36
N LYS A 467 -5.24 19.43 -7.27
CA LYS A 467 -4.73 18.96 -8.57
C LYS A 467 -5.76 18.12 -9.34
N GLN A 468 -7.05 18.42 -9.15
CA GLN A 468 -8.10 18.03 -10.08
C GLN A 468 -8.87 19.29 -10.45
N ASP A 469 -9.19 19.42 -11.73
CA ASP A 469 -9.97 20.56 -12.21
C ASP A 469 -11.28 20.65 -11.43
N GLU A 470 -11.49 21.77 -10.74
CA GLU A 470 -12.63 21.90 -9.84
C GLU A 470 -13.96 21.89 -10.60
N VAL A 471 -14.02 22.45 -11.82
CA VAL A 471 -15.26 22.42 -12.58
C VAL A 471 -15.56 21.00 -13.04
N SER A 472 -14.53 20.27 -13.48
CA SER A 472 -14.70 18.88 -13.90
C SER A 472 -15.13 18.00 -12.74
N SER A 473 -14.60 18.28 -11.53
CA SER A 473 -14.94 17.49 -10.36
C SER A 473 -16.44 17.56 -10.07
N MET A 474 -17.03 18.75 -10.20
CA MET A 474 -18.44 18.88 -9.87
C MET A 474 -19.35 18.33 -10.97
N VAL A 475 -18.95 18.43 -12.23
CA VAL A 475 -19.61 17.64 -13.27
C VAL A 475 -19.70 16.18 -12.86
N SER A 476 -18.59 15.63 -12.37
CA SER A 476 -18.54 14.21 -12.02
C SER A 476 -19.46 13.89 -10.85
N THR A 477 -19.39 14.71 -9.79
CA THR A 477 -20.27 14.56 -8.64
C THR A 477 -21.73 14.51 -9.07
N MET A 478 -22.12 15.45 -9.93
CA MET A 478 -23.52 15.48 -10.34
C MET A 478 -23.87 14.33 -11.27
N ALA A 479 -22.96 13.89 -12.13
CA ALA A 479 -23.25 12.74 -12.98
C ALA A 479 -23.50 11.48 -12.13
N GLN A 480 -22.71 11.32 -11.07
CA GLN A 480 -22.90 10.15 -10.21
C GLN A 480 -24.24 10.17 -9.52
N LEU A 481 -24.65 11.33 -8.99
CA LEU A 481 -25.97 11.43 -8.36
C LEU A 481 -27.08 11.03 -9.34
N TYR A 482 -26.97 11.44 -10.60
CA TYR A 482 -27.96 11.07 -11.61
C TYR A 482 -27.95 9.56 -11.85
N VAL A 483 -26.77 8.97 -12.01
CA VAL A 483 -26.68 7.55 -12.39
C VAL A 483 -27.35 6.66 -11.35
N TYR A 484 -27.21 6.99 -10.07
CA TYR A 484 -27.76 6.20 -8.99
C TYR A 484 -29.21 6.57 -8.65
N GLY A 485 -29.80 7.51 -9.38
CA GLY A 485 -31.21 7.80 -9.17
C GLY A 485 -31.52 8.85 -8.14
N HIS A 486 -30.51 9.53 -7.60
CA HIS A 486 -30.76 10.54 -6.58
C HIS A 486 -31.28 11.82 -7.23
N ASP A 487 -31.87 12.69 -6.41
CA ASP A 487 -32.37 13.96 -6.93
C ASP A 487 -31.26 14.73 -7.63
N LEU A 488 -31.49 15.02 -8.91
CA LEU A 488 -30.58 15.78 -9.74
C LEU A 488 -31.24 16.05 -11.09
N ASP A 489 -31.29 17.30 -11.53
CA ASP A 489 -31.88 17.64 -12.82
C ASP A 489 -30.77 17.68 -13.84
N ILE A 490 -30.59 16.58 -14.58
CA ILE A 490 -29.48 16.48 -15.52
C ILE A 490 -29.59 17.52 -16.63
N ARG A 491 -30.79 18.05 -16.91
CA ARG A 491 -30.91 19.08 -17.94
C ARG A 491 -30.14 20.35 -17.57
N THR A 492 -30.02 20.64 -16.26
CA THR A 492 -29.29 21.84 -15.84
C THR A 492 -27.79 21.71 -15.95
N LEU A 493 -27.28 20.55 -16.38
CA LEU A 493 -25.86 20.45 -16.62
C LEU A 493 -25.46 21.03 -17.98
N PHE A 494 -26.42 21.55 -18.75
CA PHE A 494 -26.15 22.15 -20.05
C PHE A 494 -26.91 23.46 -20.16
N SER A 495 -26.26 24.47 -20.72
CA SER A 495 -26.94 25.74 -20.95
C SER A 495 -28.12 25.54 -21.89
N ARG A 496 -29.13 26.41 -21.77
CA ARG A 496 -30.27 26.33 -22.67
C ARG A 496 -29.82 26.53 -24.11
N ALA A 497 -30.38 25.72 -25.02
CA ALA A 497 -30.05 25.82 -26.44
C ALA A 497 -30.50 27.16 -27.00
N SER A 498 -29.61 27.83 -27.72
CA SER A 498 -30.02 29.04 -28.42
C SER A 498 -30.18 28.85 -29.92
N GLY A 499 -29.80 27.68 -30.45
CA GLY A 499 -30.00 27.38 -31.85
C GLY A 499 -29.87 25.90 -32.14
N PRO A 500 -30.13 25.49 -33.39
CA PRO A 500 -30.10 24.05 -33.72
C PRO A 500 -28.71 23.45 -33.64
N GLN A 501 -27.64 24.26 -33.73
CA GLN A 501 -26.29 23.73 -33.53
C GLN A 501 -26.07 23.22 -32.12
N ASP A 502 -26.91 23.61 -31.16
CA ASP A 502 -26.77 23.16 -29.78
C ASP A 502 -27.33 21.76 -29.55
N TYR A 503 -27.99 21.17 -30.54
CA TYR A 503 -28.46 19.79 -30.45
C TYR A 503 -27.72 18.91 -31.44
N ALA A 504 -27.76 17.61 -31.18
CA ALA A 504 -27.19 16.63 -32.09
C ALA A 504 -28.33 15.91 -32.78
N ASN A 505 -28.04 15.40 -33.98
CA ASN A 505 -29.08 14.84 -34.86
C ASN A 505 -29.36 13.39 -34.44
N ILE A 506 -29.77 13.25 -33.19
CA ILE A 506 -30.17 11.97 -32.60
C ILE A 506 -31.46 12.19 -31.82
N PRO A 507 -32.17 11.10 -31.48
CA PRO A 507 -33.37 11.25 -30.62
C PRO A 507 -32.99 11.84 -29.28
N PRO A 508 -33.81 12.77 -28.74
CA PRO A 508 -35.12 13.21 -29.22
C PRO A 508 -35.11 14.50 -30.04
N THR A 509 -33.97 14.89 -30.61
CA THR A 509 -33.85 16.20 -31.26
C THR A 509 -33.41 16.07 -32.71
N ARG A 510 -33.77 14.96 -33.37
CA ARG A 510 -33.44 14.77 -34.78
C ARG A 510 -33.99 15.92 -35.60
N PHE A 511 -33.19 16.39 -36.57
CA PHE A 511 -33.58 17.53 -37.39
C PHE A 511 -34.41 17.06 -38.57
N LYS A 512 -35.52 17.74 -38.78
CA LYS A 512 -36.59 17.31 -39.68
C LYS A 512 -36.26 17.65 -41.15
N GLU B 45 -10.66 -29.06 0.47
CA GLU B 45 -10.15 -30.23 1.19
C GLU B 45 -8.95 -30.81 0.43
N LEU B 46 -7.71 -30.48 0.91
CA LEU B 46 -6.48 -30.80 0.20
C LEU B 46 -5.93 -32.16 0.61
N PRO B 47 -5.16 -32.81 -0.27
CA PRO B 47 -4.53 -34.08 0.08
C PRO B 47 -3.55 -33.92 1.23
N GLY B 48 -3.30 -35.03 1.93
CA GLY B 48 -2.30 -35.06 2.96
C GLY B 48 -0.96 -35.58 2.46
N VAL B 49 -0.01 -35.66 3.40
CA VAL B 49 1.28 -36.25 3.07
C VAL B 49 1.09 -37.66 2.54
N THR B 50 1.77 -37.99 1.45
CA THR B 50 1.57 -39.30 0.86
C THR B 50 2.26 -40.38 1.70
N GLU B 51 1.75 -41.60 1.57
CA GLU B 51 2.32 -42.71 2.31
C GLU B 51 3.76 -42.97 1.88
N GLU B 52 4.08 -42.75 0.60
CA GLU B 52 5.48 -42.88 0.19
C GLU B 52 6.34 -41.77 0.79
N ALA B 53 5.78 -40.57 0.93
CA ALA B 53 6.51 -39.50 1.62
C ALA B 53 6.85 -39.92 3.05
N LEU B 54 5.82 -40.37 3.80
CA LEU B 54 6.05 -40.81 5.18
C LEU B 54 7.08 -41.93 5.25
N ARG B 55 7.01 -42.88 4.33
CA ARG B 55 8.02 -43.94 4.28
C ARG B 55 9.42 -43.37 4.07
N LEU B 56 9.56 -42.48 3.07
CA LEU B 56 10.87 -41.87 2.81
C LEU B 56 11.34 -41.03 4.00
N LYS B 57 10.41 -40.33 4.66
CA LYS B 57 10.74 -39.52 5.82
C LYS B 57 11.35 -40.37 6.93
N GLU B 58 10.71 -41.48 7.27
CA GLU B 58 11.20 -42.33 8.35
C GLU B 58 12.59 -42.85 8.05
N ALA B 59 12.82 -43.33 6.83
CA ALA B 59 14.17 -43.78 6.47
C ALA B 59 15.18 -42.65 6.62
N ALA B 60 14.78 -41.41 6.30
CA ALA B 60 15.71 -40.28 6.37
C ALA B 60 16.02 -39.92 7.82
N LEU B 61 15.03 -40.03 8.71
CA LEU B 61 15.28 -39.74 10.13
C LEU B 61 16.22 -40.77 10.75
N GLU B 62 16.05 -42.05 10.40
CA GLU B 62 16.98 -43.07 10.90
C GLU B 62 18.38 -42.82 10.37
N GLU B 63 18.51 -42.51 9.08
CA GLU B 63 19.81 -42.14 8.53
C GLU B 63 20.39 -40.94 9.27
N LEU B 64 19.55 -39.96 9.60
CA LEU B 64 20.00 -38.77 10.31
C LEU B 64 20.43 -39.12 11.74
N ALA B 65 19.57 -39.86 12.47
CA ALA B 65 19.87 -40.26 13.85
C ALA B 65 21.11 -41.14 13.97
N ALA B 66 21.84 -41.41 12.89
CA ALA B 66 22.99 -42.30 12.91
C ALA B 66 24.29 -41.62 12.53
N GLN B 67 24.32 -40.29 12.48
CA GLN B 67 25.52 -39.55 12.11
C GLN B 67 26.05 -38.81 13.32
N GLU B 68 27.32 -38.42 13.25
CA GLU B 68 27.95 -37.63 14.31
C GLU B 68 27.11 -36.38 14.58
N VAL B 69 26.72 -36.21 15.84
CA VAL B 69 26.04 -34.98 16.23
C VAL B 69 26.99 -33.80 16.05
N THR B 70 26.49 -32.72 15.48
CA THR B 70 27.30 -31.54 15.23
C THR B 70 26.88 -30.42 16.17
N ALA B 71 27.87 -29.68 16.66
CA ALA B 71 27.62 -28.57 17.58
C ALA B 71 26.78 -27.50 16.88
N PRO B 72 25.63 -27.11 17.44
CA PRO B 72 24.84 -26.04 16.82
C PRO B 72 25.63 -24.74 16.78
N LEU B 73 25.24 -23.87 15.85
CA LEU B 73 25.81 -22.52 15.74
C LEU B 73 24.96 -21.58 16.61
N VAL B 74 25.57 -20.98 17.62
CA VAL B 74 24.85 -20.17 18.61
C VAL B 74 25.05 -18.69 18.31
N PRO B 75 23.98 -17.89 18.19
CA PRO B 75 24.14 -16.44 17.99
C PRO B 75 24.24 -15.68 19.31
N LEU B 76 25.36 -14.99 19.53
CA LEU B 76 25.60 -14.22 20.75
C LEU B 76 25.49 -12.74 20.42
N ALA B 77 24.43 -12.09 20.92
CA ALA B 77 24.18 -10.70 20.61
C ALA B 77 24.77 -9.78 21.69
N VAL B 78 25.47 -8.74 21.24
CA VAL B 78 26.02 -7.68 22.10
C VAL B 78 25.63 -6.34 21.50
N SER B 79 25.17 -5.39 22.32
CA SER B 79 24.76 -4.12 21.75
C SER B 79 24.84 -3.01 22.79
N ALA B 80 24.82 -1.77 22.29
CA ALA B 80 24.84 -0.59 23.14
C ALA B 80 24.37 0.60 22.33
N PHE B 81 24.33 1.76 22.99
CA PHE B 81 23.90 2.98 22.31
C PHE B 81 24.97 3.47 21.34
N LEU B 82 26.23 3.17 21.63
CA LEU B 82 27.36 3.59 20.81
C LEU B 82 28.31 2.42 20.64
N THR B 83 28.95 2.37 19.47
CA THR B 83 29.98 1.37 19.22
C THR B 83 31.05 1.36 20.31
N SER B 84 31.51 2.54 20.73
CA SER B 84 32.55 2.61 21.75
C SER B 84 32.12 1.89 23.04
N ARG B 85 30.83 1.97 23.38
CA ARG B 85 30.33 1.21 24.53
C ARG B 85 30.15 -0.27 24.20
N LYS B 86 29.71 -0.58 22.98
CA LYS B 86 29.54 -1.98 22.59
C LYS B 86 30.86 -2.74 22.66
N LYS B 87 31.96 -2.08 22.26
CA LYS B 87 33.27 -2.72 22.29
C LYS B 87 33.69 -3.04 23.72
N ALA B 88 33.40 -2.13 24.65
CA ALA B 88 33.71 -2.38 26.06
C ALA B 88 32.85 -3.50 26.64
N ALA B 89 31.55 -3.53 26.31
CA ALA B 89 30.69 -4.65 26.73
C ALA B 89 31.20 -5.98 26.16
N ALA B 90 31.71 -5.98 24.92
CA ALA B 90 32.17 -7.23 24.32
C ALA B 90 33.43 -7.74 25.00
N ALA B 91 34.35 -6.83 25.35
CA ALA B 91 35.56 -7.22 26.07
C ALA B 91 35.24 -7.81 27.44
N GLU B 92 34.32 -7.16 28.20
CA GLU B 92 33.86 -7.74 29.46
C GLU B 92 33.28 -9.14 29.26
N LEU B 93 32.42 -9.30 28.25
CA LEU B 93 31.78 -10.60 28.05
C LEU B 93 32.81 -11.67 27.68
N ALA B 94 33.80 -11.30 26.86
CA ALA B 94 34.87 -12.24 26.53
C ALA B 94 35.67 -12.63 27.76
N ASP B 95 36.03 -11.66 28.60
CA ASP B 95 36.77 -11.98 29.82
C ASP B 95 35.97 -12.90 30.74
N TRP B 96 34.66 -12.66 30.85
CA TRP B 96 33.85 -13.51 31.73
C TRP B 96 33.71 -14.92 31.16
N MET B 97 33.60 -15.06 29.84
CA MET B 97 33.48 -16.38 29.23
C MET B 97 34.76 -17.19 29.40
N GLN B 98 35.89 -16.51 29.56
CA GLN B 98 37.17 -17.15 29.78
C GLN B 98 37.35 -17.58 31.23
N SER B 99 36.62 -16.95 32.15
CA SER B 99 36.76 -17.17 33.57
C SER B 99 36.04 -18.44 33.99
N PRO B 100 36.27 -18.93 35.21
CA PRO B 100 35.67 -20.24 35.60
C PRO B 100 34.15 -20.27 35.45
N GLU B 101 33.43 -19.24 35.87
CA GLU B 101 31.98 -19.32 35.81
C GLU B 101 31.47 -19.31 34.37
N GLY B 102 32.09 -18.51 33.50
CA GLY B 102 31.72 -18.53 32.09
C GLY B 102 32.01 -19.87 31.44
N GLN B 103 33.15 -20.47 31.79
CA GLN B 103 33.51 -21.80 31.28
C GLN B 103 32.51 -22.86 31.72
N ALA B 104 31.86 -22.67 32.87
CA ALA B 104 30.87 -23.63 33.36
C ALA B 104 29.45 -23.36 32.84
N SER B 105 29.24 -22.34 32.01
CA SER B 105 27.92 -22.03 31.47
C SER B 105 27.85 -22.47 30.01
N SER B 106 26.75 -23.13 29.64
CA SER B 106 26.58 -23.57 28.26
C SER B 106 26.48 -22.37 27.33
N LEU B 107 26.98 -22.54 26.10
CA LEU B 107 26.86 -21.49 25.10
C LEU B 107 25.41 -21.06 24.92
N GLU B 108 24.50 -22.03 24.85
CA GLU B 108 23.11 -21.70 24.57
C GLU B 108 22.49 -20.86 25.68
N SER B 109 22.85 -21.12 26.94
CA SER B 109 22.31 -20.30 28.02
C SER B 109 22.93 -18.90 28.03
N ILE B 110 24.18 -18.79 27.57
CA ILE B 110 24.77 -17.47 27.39
C ILE B 110 24.02 -16.71 26.31
N GLY B 111 23.77 -17.36 25.17
CA GLY B 111 23.04 -16.71 24.10
C GLY B 111 21.63 -16.31 24.50
N ARG B 112 20.95 -17.18 25.26
CA ARG B 112 19.59 -16.87 25.68
C ARG B 112 19.57 -15.67 26.64
N SER B 113 20.49 -15.62 27.59
CA SER B 113 20.59 -14.43 28.46
C SER B 113 20.84 -13.17 27.63
N LEU B 114 21.79 -13.22 26.70
CA LEU B 114 22.08 -12.06 25.86
C LEU B 114 20.86 -11.62 25.06
N SER B 115 20.02 -12.57 24.63
CA SER B 115 18.85 -12.22 23.83
C SER B 115 17.78 -11.48 24.63
N ARG B 116 17.81 -11.55 25.96
CA ARG B 116 16.81 -10.84 26.78
C ARG B 116 17.26 -9.46 27.23
N ARG B 117 18.46 -9.02 26.86
CA ARG B 117 18.90 -7.66 27.15
C ARG B 117 18.19 -6.68 26.24
N ASN B 118 18.15 -5.41 26.65
CA ASN B 118 17.68 -4.40 25.72
CA ASN B 118 17.73 -4.34 25.76
C ASN B 118 18.66 -4.33 24.55
N HIS B 119 18.12 -4.06 23.38
CA HIS B 119 18.91 -4.16 22.15
C HIS B 119 19.17 -2.76 21.58
N GLY B 120 20.36 -2.23 21.85
CA GLY B 120 20.70 -0.86 21.48
C GLY B 120 20.92 -0.71 19.98
N ARG B 121 21.16 0.54 19.57
CA ARG B 121 21.25 0.82 18.14
C ARG B 121 22.53 0.28 17.51
N SER B 122 23.61 0.15 18.29
CA SER B 122 24.87 -0.37 17.77
C SER B 122 25.00 -1.82 18.20
N ARG B 123 25.07 -2.73 17.23
CA ARG B 123 24.90 -4.16 17.48
C ARG B 123 26.02 -4.96 16.87
N ALA B 124 26.22 -6.15 17.45
CA ALA B 124 27.07 -7.17 16.87
C ALA B 124 26.50 -8.53 17.24
N VAL B 125 26.70 -9.52 16.38
CA VAL B 125 26.43 -10.91 16.74
C VAL B 125 27.70 -11.71 16.48
N VAL B 126 28.08 -12.55 17.43
CA VAL B 126 29.15 -13.52 17.27
C VAL B 126 28.51 -14.90 17.11
N LEU B 127 28.77 -15.56 15.98
CA LEU B 127 28.24 -16.89 15.72
C LEU B 127 29.29 -17.93 16.12
N ALA B 128 28.98 -18.78 17.09
CA ALA B 128 30.00 -19.64 17.67
C ALA B 128 29.47 -21.05 17.93
N HIS B 129 30.35 -22.04 17.74
CA HIS B 129 30.06 -23.42 18.07
C HIS B 129 30.50 -23.78 19.48
N ASP B 130 31.51 -23.11 20.01
CA ASP B 130 32.06 -23.42 21.33
C ASP B 130 32.56 -22.13 21.98
N HIS B 131 33.01 -22.24 23.23
CA HIS B 131 33.49 -21.08 23.97
C HIS B 131 34.68 -20.40 23.29
N ASP B 132 35.58 -21.18 22.71
CA ASP B 132 36.78 -20.58 22.13
C ASP B 132 36.43 -19.73 20.91
N GLU B 133 35.50 -20.19 20.08
CA GLU B 133 35.06 -19.36 18.96
C GLU B 133 34.37 -18.11 19.47
N ALA B 134 33.52 -18.25 20.49
CA ALA B 134 32.81 -17.13 21.06
C ALA B 134 33.79 -16.06 21.55
N ILE B 135 34.72 -16.46 22.44
CA ILE B 135 35.68 -15.54 23.01
C ILE B 135 36.44 -14.82 21.89
N LYS B 136 36.88 -15.56 20.88
CA LYS B 136 37.69 -14.98 19.81
C LYS B 136 36.88 -13.98 18.99
N GLY B 137 35.62 -14.31 18.70
CA GLY B 137 34.78 -13.37 17.99
C GLY B 137 34.48 -12.12 18.80
N LEU B 138 34.34 -12.26 20.13
CA LEU B 138 34.04 -11.10 20.97
C LEU B 138 35.25 -10.18 21.06
N ARG B 139 36.46 -10.74 21.13
CA ARG B 139 37.64 -9.89 21.09
C ARG B 139 37.77 -9.16 19.76
N ALA B 140 37.34 -9.78 18.67
CA ALA B 140 37.30 -9.09 17.38
C ALA B 140 36.35 -7.90 17.43
N VAL B 141 35.14 -8.10 17.98
CA VAL B 141 34.21 -6.98 18.18
C VAL B 141 34.85 -5.89 19.03
N ALA B 142 35.44 -6.29 20.16
CA ALA B 142 36.07 -5.32 21.06
C ALA B 142 37.17 -4.55 20.34
N ALA B 143 37.94 -5.22 19.50
CA ALA B 143 39.06 -4.60 18.82
C ALA B 143 38.65 -3.83 17.58
N GLY B 144 37.39 -3.93 17.15
CA GLY B 144 36.99 -3.35 15.90
C GLY B 144 37.54 -4.08 14.68
N LYS B 145 37.72 -5.39 14.76
CA LYS B 145 38.30 -6.16 13.68
C LYS B 145 37.28 -7.11 13.06
N GLN B 146 37.32 -7.24 11.74
CA GLN B 146 36.40 -8.13 11.04
C GLN B 146 36.81 -9.58 11.23
N ALA B 147 35.83 -10.46 11.16
CA ALA B 147 36.01 -11.90 11.35
C ALA B 147 34.88 -12.61 10.65
N PRO B 148 35.09 -13.83 10.14
CA PRO B 148 34.04 -14.46 9.33
C PRO B 148 32.76 -14.71 10.11
N ASN B 149 32.87 -15.03 11.40
CA ASN B 149 31.70 -15.34 12.20
C ASN B 149 31.18 -14.14 12.99
N VAL B 150 31.54 -12.93 12.59
CA VAL B 150 31.15 -11.72 13.33
C VAL B 150 30.47 -10.75 12.38
N PHE B 151 29.29 -10.28 12.76
CA PHE B 151 28.63 -9.18 12.08
C PHE B 151 28.43 -8.04 13.08
N SER B 152 28.73 -6.81 12.64
CA SER B 152 28.83 -5.67 13.55
C SER B 152 28.61 -4.38 12.78
N VAL B 153 27.71 -3.51 13.28
CA VAL B 153 27.46 -2.20 12.67
C VAL B 153 27.36 -1.13 13.76
N ASP B 154 27.58 0.13 13.34
CA ASP B 154 27.52 1.25 14.26
C ASP B 154 26.09 1.69 14.56
N GLY B 155 25.13 1.38 13.69
CA GLY B 155 23.75 1.80 13.87
C GLY B 155 22.88 1.15 12.82
N PRO B 156 21.57 1.31 12.93
CA PRO B 156 20.66 0.57 12.03
C PRO B 156 20.80 1.02 10.58
N VAL B 157 20.52 0.08 9.69
CA VAL B 157 20.15 0.37 8.31
C VAL B 157 18.71 0.86 8.31
N THR B 158 18.44 2.00 7.64
CA THR B 158 17.15 2.66 7.84
C THR B 158 16.11 2.40 6.75
N THR B 159 16.44 1.67 5.68
CA THR B 159 15.44 1.11 4.77
C THR B 159 15.42 -0.41 4.90
N GLY B 160 14.24 -1.01 4.79
CA GLY B 160 14.08 -2.42 4.98
C GLY B 160 14.62 -3.27 3.84
N PRO B 161 14.61 -4.58 4.03
CA PRO B 161 15.29 -5.48 3.11
C PRO B 161 14.49 -5.74 1.85
N VAL B 162 15.21 -5.91 0.75
CA VAL B 162 14.64 -6.43 -0.49
C VAL B 162 14.80 -7.95 -0.50
N TRP B 163 13.68 -8.66 -0.61
CA TRP B 163 13.68 -10.11 -0.72
C TRP B 163 13.82 -10.49 -2.19
N VAL B 164 14.84 -11.29 -2.50
CA VAL B 164 15.17 -11.71 -3.86
C VAL B 164 14.67 -13.14 -4.05
N LEU B 165 13.74 -13.32 -5.01
CA LEU B 165 13.18 -14.62 -5.35
C LEU B 165 13.64 -14.98 -6.78
N ALA B 166 14.64 -15.83 -6.90
CA ALA B 166 15.16 -16.19 -8.22
C ALA B 166 14.94 -17.67 -8.49
N GLY B 167 16.02 -18.36 -8.81
CA GLY B 167 15.91 -19.80 -8.97
C GLY B 167 16.71 -20.39 -10.11
N PHE B 168 16.97 -19.65 -11.18
CA PHE B 168 17.77 -20.22 -12.26
C PHE B 168 19.10 -20.72 -11.72
N GLY B 169 19.41 -21.98 -12.01
CA GLY B 169 20.70 -22.55 -11.67
C GLY B 169 20.95 -22.83 -10.20
N ALA B 170 19.92 -22.76 -9.36
CA ALA B 170 20.11 -22.90 -7.93
C ALA B 170 19.85 -24.31 -7.41
N GLN B 171 19.23 -25.17 -8.23
CA GLN B 171 18.82 -26.49 -7.76
C GLN B 171 20.04 -27.37 -7.50
N HIS B 172 19.85 -28.34 -6.60
CA HIS B 172 20.77 -29.44 -6.41
C HIS B 172 20.00 -30.57 -5.73
N ARG B 173 20.58 -31.77 -5.74
CA ARG B 173 19.80 -32.99 -5.58
C ARG B 173 19.11 -33.08 -4.22
N LYS B 174 19.81 -32.72 -3.13
CA LYS B 174 19.26 -32.86 -1.79
C LYS B 174 18.73 -31.54 -1.23
N MET B 175 18.41 -30.59 -2.10
CA MET B 175 18.05 -29.25 -1.63
C MET B 175 16.82 -29.30 -0.73
N GLY B 176 16.91 -28.63 0.43
CA GLY B 176 15.79 -28.51 1.35
C GLY B 176 15.54 -29.70 2.27
N LYS B 177 16.20 -30.82 2.03
CA LYS B 177 15.91 -32.05 2.80
C LYS B 177 16.39 -31.93 4.24
N SER B 178 17.64 -31.51 4.44
CA SER B 178 18.17 -31.36 5.78
C SER B 178 17.33 -30.40 6.62
N LEU B 179 16.91 -29.26 6.04
CA LEU B 179 16.10 -28.33 6.82
C LEU B 179 14.69 -28.87 7.05
N TYR B 180 14.12 -29.58 6.05
CA TYR B 180 12.80 -30.20 6.25
C TYR B 180 12.82 -31.14 7.46
N LEU B 181 13.89 -31.89 7.64
CA LEU B 181 13.91 -32.90 8.68
C LEU B 181 14.13 -32.31 10.07
N ARG B 182 14.69 -31.09 10.15
CA ARG B 182 15.19 -30.54 11.40
C ARG B 182 14.53 -29.22 11.82
N ASN B 183 13.64 -28.66 11.03
CA ASN B 183 12.99 -27.40 11.36
C ASN B 183 11.48 -27.58 11.18
N GLU B 184 10.74 -27.53 12.29
CA GLU B 184 9.32 -27.86 12.25
C GLU B 184 8.52 -26.81 11.50
N VAL B 185 8.93 -25.54 11.55
CA VAL B 185 8.18 -24.49 10.88
C VAL B 185 8.38 -24.59 9.37
N PHE B 186 9.63 -24.76 8.95
CA PHE B 186 9.92 -25.00 7.54
C PHE B 186 9.15 -26.21 7.01
N ALA B 187 9.17 -27.32 7.76
CA ALA B 187 8.48 -28.53 7.32
C ALA B 187 6.98 -28.31 7.21
N ALA B 188 6.40 -27.56 8.14
CA ALA B 188 4.98 -27.26 8.06
C ALA B 188 4.63 -26.59 6.74
N TRP B 189 5.46 -25.64 6.29
CA TRP B 189 5.14 -24.92 5.07
C TRP B 189 5.46 -25.73 3.82
N ILE B 190 6.54 -26.51 3.83
CA ILE B 190 6.81 -27.41 2.70
C ILE B 190 5.60 -28.32 2.46
N GLU B 191 5.09 -28.92 3.53
CA GLU B 191 3.94 -29.81 3.39
C GLU B 191 2.71 -29.05 2.93
N LYS B 192 2.54 -27.80 3.36
CA LYS B 192 1.42 -27.02 2.85
C LYS B 192 1.52 -26.85 1.33
N VAL B 193 2.72 -26.57 0.81
CA VAL B 193 2.85 -26.42 -0.65
C VAL B 193 2.74 -27.79 -1.33
N ASP B 194 3.21 -28.85 -0.67
CA ASP B 194 3.14 -30.19 -1.24
C ASP B 194 1.69 -30.64 -1.42
N ALA B 195 0.81 -30.28 -0.46
CA ALA B 195 -0.61 -30.56 -0.63
C ALA B 195 -1.19 -29.80 -1.81
N LEU B 196 -0.79 -28.54 -1.99
CA LEU B 196 -1.36 -27.74 -3.07
C LEU B 196 -0.88 -28.23 -4.44
N VAL B 197 0.39 -28.62 -4.55
CA VAL B 197 0.90 -29.08 -5.84
C VAL B 197 0.35 -30.46 -6.16
N GLN B 198 0.12 -31.30 -5.14
CA GLN B 198 -0.62 -32.55 -5.33
C GLN B 198 -1.98 -32.29 -5.96
N ASP B 199 -2.65 -31.22 -5.54
CA ASP B 199 -3.97 -30.90 -6.05
C ASP B 199 -3.92 -30.36 -7.46
N GLU B 200 -2.89 -29.56 -7.78
CA GLU B 200 -2.78 -28.97 -9.12
C GLU B 200 -2.24 -29.98 -10.12
N LEU B 201 -1.18 -30.68 -9.76
CA LEU B 201 -0.43 -31.48 -10.72
C LEU B 201 -0.48 -32.97 -10.46
N GLY B 202 -0.96 -33.40 -9.30
CA GLY B 202 -1.11 -34.82 -9.06
C GLY B 202 0.15 -35.57 -8.65
N TYR B 203 1.18 -34.89 -8.17
CA TYR B 203 2.33 -35.59 -7.61
C TYR B 203 2.85 -34.83 -6.41
N SER B 204 3.74 -35.47 -5.66
CA SER B 204 4.21 -34.96 -4.37
C SER B 204 5.62 -34.41 -4.53
N VAL B 205 5.77 -33.12 -4.26
CA VAL B 205 7.09 -32.50 -4.22
C VAL B 205 7.88 -33.00 -3.03
N LEU B 206 7.20 -33.35 -1.93
CA LEU B 206 7.91 -33.81 -0.74
C LEU B 206 8.60 -35.14 -0.98
N GLU B 207 8.00 -36.03 -1.79
CA GLU B 207 8.70 -37.26 -2.13
C GLU B 207 9.98 -36.97 -2.89
N LEU B 208 9.96 -35.92 -3.72
CA LEU B 208 11.16 -35.56 -4.47
C LEU B 208 12.25 -35.03 -3.55
N ILE B 209 11.87 -34.20 -2.59
CA ILE B 209 12.86 -33.66 -1.65
C ILE B 209 13.51 -34.78 -0.83
N LEU B 210 12.69 -35.73 -0.36
CA LEU B 210 13.18 -36.75 0.57
C LEU B 210 13.93 -37.90 -0.10
N ASP B 211 13.74 -38.14 -1.39
CA ASP B 211 14.27 -39.32 -2.05
C ASP B 211 15.57 -38.98 -2.75
N ASP B 212 16.69 -39.43 -2.18
CA ASP B 212 17.99 -39.13 -2.77
C ASP B 212 18.16 -39.74 -4.15
N ALA B 213 17.35 -40.75 -4.51
CA ALA B 213 17.51 -41.41 -5.80
C ALA B 213 17.06 -40.53 -6.95
N GLN B 214 16.11 -39.62 -6.71
CA GLN B 214 15.55 -38.79 -7.77
C GLN B 214 16.28 -37.46 -7.89
N ASP B 215 16.49 -37.03 -9.13
CA ASP B 215 16.94 -35.67 -9.41
C ASP B 215 15.82 -34.92 -10.12
N TYR B 216 16.04 -33.61 -10.32
CA TYR B 216 14.99 -32.71 -10.78
C TYR B 216 15.06 -32.50 -12.28
N GLY B 217 13.89 -32.31 -12.91
CA GLY B 217 13.80 -32.03 -14.31
C GLY B 217 13.29 -30.63 -14.60
N ILE B 218 12.87 -30.43 -15.85
CA ILE B 218 12.46 -29.10 -16.29
C ILE B 218 11.30 -28.59 -15.45
N GLU B 219 10.32 -29.46 -15.17
CA GLU B 219 9.12 -29.09 -14.42
C GLU B 219 9.34 -29.15 -12.90
N THR B 220 9.87 -30.28 -12.40
CA THR B 220 9.95 -30.46 -10.96
C THR B 220 10.96 -29.53 -10.30
N THR B 221 11.99 -29.10 -11.04
CA THR B 221 12.92 -28.09 -10.53
C THR B 221 12.16 -26.85 -10.07
N GLN B 222 11.21 -26.40 -10.90
CA GLN B 222 10.57 -25.11 -10.69
C GLN B 222 9.54 -25.15 -9.56
N VAL B 223 8.74 -26.21 -9.47
CA VAL B 223 7.75 -26.24 -8.39
C VAL B 223 8.42 -26.55 -7.05
N THR B 224 9.53 -27.30 -7.07
CA THR B 224 10.22 -27.61 -5.81
C THR B 224 10.99 -26.40 -5.26
N ILE B 225 11.72 -25.68 -6.13
CA ILE B 225 12.36 -24.42 -5.71
C ILE B 225 11.31 -23.44 -5.19
N PHE B 226 10.15 -23.37 -5.87
CA PHE B 226 9.04 -22.56 -5.37
C PHE B 226 8.66 -22.96 -3.95
N ALA B 227 8.49 -24.27 -3.72
CA ALA B 227 8.14 -24.77 -2.39
C ALA B 227 9.17 -24.31 -1.36
N ILE B 228 10.46 -24.48 -1.66
CA ILE B 228 11.48 -24.07 -0.71
C ILE B 228 11.45 -22.55 -0.49
N GLN B 229 11.12 -21.77 -1.52
CA GLN B 229 11.08 -20.31 -1.36
C GLN B 229 9.94 -19.90 -0.43
N ILE B 230 8.76 -20.47 -0.65
CA ILE B 230 7.61 -20.19 0.20
C ILE B 230 7.93 -20.53 1.65
N ALA B 231 8.52 -21.71 1.87
CA ALA B 231 8.76 -22.18 3.22
C ALA B 231 9.88 -21.41 3.91
N LEU B 232 10.92 -21.00 3.17
CA LEU B 232 11.95 -20.16 3.77
C LEU B 232 11.40 -18.81 4.19
N GLY B 233 10.64 -18.16 3.32
CA GLY B 233 10.08 -16.87 3.68
C GLY B 233 9.12 -16.94 4.85
N GLU B 234 8.33 -18.01 4.93
CA GLU B 234 7.42 -18.13 6.07
C GLU B 234 8.16 -18.52 7.33
N LEU B 235 9.26 -19.25 7.22
CA LEU B 235 10.12 -19.43 8.38
C LEU B 235 10.64 -18.08 8.87
N LEU B 236 11.03 -17.21 7.95
CA LEU B 236 11.53 -15.90 8.36
C LEU B 236 10.42 -15.07 8.99
N ARG B 237 9.21 -15.11 8.42
CA ARG B 237 8.11 -14.35 9.02
C ARG B 237 7.74 -14.91 10.40
N HIS B 238 7.82 -16.24 10.57
CA HIS B 238 7.64 -16.83 11.89
C HIS B 238 8.55 -16.18 12.94
N HIS B 239 9.77 -15.80 12.56
CA HIS B 239 10.70 -15.22 13.52
C HIS B 239 10.63 -13.70 13.56
N GLY B 240 9.57 -13.11 12.98
CA GLY B 240 9.36 -11.68 13.03
C GLY B 240 9.83 -10.90 11.81
N ALA B 241 10.37 -11.56 10.77
CA ALA B 241 10.90 -10.83 9.63
C ALA B 241 9.80 -10.48 8.63
N LYS B 242 10.08 -9.48 7.79
CA LYS B 242 9.12 -8.93 6.82
C LYS B 242 9.90 -8.33 5.66
N PRO B 243 9.46 -8.49 4.42
CA PRO B 243 10.13 -7.76 3.32
C PRO B 243 9.65 -6.31 3.26
N ALA B 244 10.59 -5.40 3.05
CA ALA B 244 10.17 -4.06 2.65
C ALA B 244 9.79 -4.02 1.18
N ALA B 245 10.46 -4.83 0.35
CA ALA B 245 10.13 -4.96 -1.05
C ALA B 245 10.59 -6.33 -1.50
N VAL B 246 10.12 -6.74 -2.68
CA VAL B 246 10.52 -8.00 -3.31
C VAL B 246 10.97 -7.72 -4.73
N ILE B 247 11.84 -8.59 -5.23
CA ILE B 247 12.21 -8.60 -6.65
C ILE B 247 12.28 -10.06 -7.08
N GLY B 248 11.64 -10.37 -8.21
CA GLY B 248 11.64 -11.72 -8.72
C GLY B 248 12.58 -11.89 -9.90
N GLN B 249 12.97 -13.14 -10.18
CA GLN B 249 13.77 -13.44 -11.36
C GLN B 249 13.24 -14.72 -11.98
N SER B 250 12.47 -14.57 -13.07
CA SER B 250 11.95 -15.67 -13.87
C SER B 250 11.11 -16.63 -13.02
N LEU B 251 11.62 -17.84 -12.80
CA LEU B 251 10.96 -18.85 -11.98
C LEU B 251 10.40 -18.28 -10.67
N GLY B 252 11.22 -17.48 -9.98
CA GLY B 252 10.88 -16.96 -8.67
C GLY B 252 9.79 -15.92 -8.64
N GLU B 253 9.24 -15.53 -9.80
CA GLU B 253 8.24 -14.47 -9.83
C GLU B 253 6.98 -14.87 -9.06
N ALA B 254 6.57 -16.13 -9.15
CA ALA B 254 5.36 -16.59 -8.45
C ALA B 254 5.51 -16.43 -6.92
N ALA B 255 6.64 -16.88 -6.35
CA ALA B 255 6.88 -16.68 -4.92
C ALA B 255 6.93 -15.19 -4.57
N SER B 256 7.58 -14.39 -5.41
CA SER B 256 7.64 -12.95 -5.16
C SER B 256 6.25 -12.33 -5.13
N ALA B 257 5.34 -12.83 -5.96
CA ALA B 257 3.97 -12.32 -5.93
C ALA B 257 3.29 -12.68 -4.61
N TYR B 258 3.55 -13.87 -4.09
CA TYR B 258 2.94 -14.27 -2.84
C TYR B 258 3.44 -13.41 -1.69
N PHE B 259 4.75 -13.20 -1.60
CA PHE B 259 5.29 -12.44 -0.47
C PHE B 259 5.00 -10.96 -0.59
N ALA B 260 4.70 -10.46 -1.78
CA ALA B 260 4.26 -9.08 -1.93
C ALA B 260 2.75 -8.91 -1.72
N GLY B 261 2.03 -9.95 -1.34
CA GLY B 261 0.59 -9.85 -1.15
C GLY B 261 -0.20 -9.69 -2.44
N GLY B 262 0.35 -10.12 -3.57
CA GLY B 262 -0.34 -9.98 -4.83
C GLY B 262 -1.20 -11.16 -5.23
N LEU B 263 -0.92 -12.33 -4.67
CA LEU B 263 -1.73 -13.52 -4.92
C LEU B 263 -1.77 -14.34 -3.65
N SER B 264 -2.91 -14.98 -3.40
CA SER B 264 -2.97 -16.02 -2.40
C SER B 264 -1.92 -17.08 -2.67
N LEU B 265 -1.62 -17.88 -1.63
CA LEU B 265 -0.72 -19.00 -1.82
C LEU B 265 -1.25 -19.95 -2.89
N ARG B 266 -2.57 -20.16 -2.90
CA ARG B 266 -3.17 -21.06 -3.89
C ARG B 266 -2.94 -20.53 -5.29
N ASP B 267 -3.20 -19.24 -5.51
CA ASP B 267 -3.07 -18.69 -6.86
C ASP B 267 -1.61 -18.60 -7.29
N ALA B 268 -0.71 -18.27 -6.36
CA ALA B 268 0.72 -18.25 -6.69
C ALA B 268 1.20 -19.65 -7.05
N THR B 269 0.70 -20.67 -6.36
CA THR B 269 1.01 -22.05 -6.74
C THR B 269 0.45 -22.39 -8.12
N ARG B 270 -0.73 -21.85 -8.46
CA ARG B 270 -1.24 -22.05 -9.81
C ARG B 270 -0.32 -21.38 -10.84
N ALA B 271 0.19 -20.19 -10.53
CA ALA B 271 1.10 -19.53 -11.46
C ALA B 271 2.35 -20.39 -11.71
N ILE B 272 2.98 -20.89 -10.66
CA ILE B 272 4.20 -21.67 -10.90
C ILE B 272 3.87 -23.02 -11.55
N CYS B 273 2.75 -23.63 -11.17
CA CYS B 273 2.42 -24.96 -11.66
C CYS B 273 2.09 -24.95 -13.15
N SER B 274 1.34 -23.94 -13.62
CA SER B 274 0.98 -23.92 -15.03
C SER B 274 2.21 -23.63 -15.88
N ARG B 275 3.01 -22.64 -15.50
CA ARG B 275 4.23 -22.33 -16.25
C ARG B 275 5.18 -23.53 -16.27
N SER B 276 5.33 -24.24 -15.14
CA SER B 276 6.26 -25.38 -15.07
C SER B 276 5.84 -26.53 -15.97
N HIS B 277 4.59 -27.00 -15.83
CA HIS B 277 4.24 -28.20 -16.58
C HIS B 277 4.03 -27.91 -18.07
N LEU B 278 3.61 -26.69 -18.42
CA LEU B 278 3.55 -26.31 -19.83
C LEU B 278 4.94 -26.26 -20.46
N MET B 279 5.93 -25.77 -19.73
CA MET B 279 7.29 -25.80 -20.23
C MET B 279 7.77 -27.24 -20.39
N GLY B 280 7.56 -28.06 -19.34
CA GLY B 280 7.94 -29.46 -19.43
C GLY B 280 7.29 -30.19 -20.60
N GLU B 281 5.99 -29.97 -20.82
CA GLU B 281 5.30 -30.68 -21.89
C GLU B 281 5.63 -30.10 -23.26
N GLY B 282 5.82 -28.77 -23.35
CA GLY B 282 6.20 -28.16 -24.61
C GLY B 282 7.48 -28.71 -25.22
N GLU B 283 8.34 -29.33 -24.40
CA GLU B 283 9.59 -29.89 -24.90
C GLU B 283 9.39 -31.17 -25.72
N ALA B 284 8.23 -31.83 -25.63
CA ALA B 284 7.93 -32.98 -26.47
C ALA B 284 7.87 -32.63 -27.95
N MET B 285 7.75 -31.35 -28.29
CA MET B 285 7.76 -30.90 -29.67
C MET B 285 9.16 -30.65 -30.19
N LEU B 286 10.20 -30.75 -29.35
CA LEU B 286 11.49 -30.14 -29.62
C LEU B 286 12.58 -31.20 -29.78
N PHE B 287 13.36 -31.06 -30.84
CA PHE B 287 14.41 -32.00 -31.22
C PHE B 287 15.29 -31.28 -32.23
N GLY B 288 16.47 -31.86 -32.47
CA GLY B 288 17.32 -31.41 -33.56
C GLY B 288 17.54 -29.91 -33.61
N GLU B 289 17.07 -29.25 -34.67
CA GLU B 289 17.39 -27.83 -34.84
C GLU B 289 16.72 -26.96 -33.79
N TYR B 290 15.58 -27.42 -33.23
CA TYR B 290 14.77 -26.63 -32.30
C TYR B 290 15.37 -26.54 -30.88
N ILE B 291 16.33 -27.37 -30.52
CA ILE B 291 16.80 -27.43 -29.13
C ILE B 291 17.51 -26.15 -28.76
N ARG B 292 17.15 -25.58 -27.61
CA ARG B 292 17.89 -24.45 -27.04
C ARG B 292 18.31 -24.81 -25.62
N LEU B 293 19.60 -24.70 -25.35
CA LEU B 293 20.13 -24.73 -24.00
C LEU B 293 20.05 -23.34 -23.39
N MET B 294 20.11 -23.32 -22.07
CA MET B 294 20.16 -22.08 -21.31
C MET B 294 21.46 -22.07 -20.52
N ALA B 295 22.02 -20.89 -20.28
CA ALA B 295 23.29 -20.85 -19.57
C ALA B 295 23.45 -19.49 -18.90
N LEU B 296 24.05 -19.51 -17.72
CA LEU B 296 24.52 -18.30 -17.05
C LEU B 296 25.98 -18.05 -17.43
N VAL B 297 26.26 -16.89 -18.01
CA VAL B 297 27.61 -16.60 -18.50
C VAL B 297 28.03 -15.21 -18.06
N GLU B 298 29.33 -15.05 -17.78
CA GLU B 298 29.86 -13.79 -17.30
C GLU B 298 30.27 -12.91 -18.50
N TYR B 299 29.25 -12.50 -19.25
CA TYR B 299 29.35 -11.54 -20.32
C TYR B 299 28.15 -10.61 -20.25
N SER B 300 28.36 -9.35 -20.62
CA SER B 300 27.25 -8.40 -20.70
C SER B 300 26.36 -8.73 -21.89
N ALA B 301 25.16 -8.14 -21.89
CA ALA B 301 24.28 -8.32 -23.03
C ALA B 301 24.89 -7.73 -24.30
N ASP B 302 25.64 -6.63 -24.17
CA ASP B 302 26.33 -6.05 -25.31
C ASP B 302 27.40 -6.99 -25.86
N GLU B 303 28.18 -7.60 -24.97
CA GLU B 303 29.18 -8.54 -25.45
C GLU B 303 28.55 -9.74 -26.15
N ILE B 304 27.44 -10.26 -25.60
CA ILE B 304 26.75 -11.35 -26.28
C ILE B 304 26.30 -10.92 -27.67
N ARG B 305 25.71 -9.72 -27.77
CA ARG B 305 25.05 -9.30 -29.01
C ARG B 305 26.06 -8.94 -30.09
N GLU B 306 27.16 -8.31 -29.73
CA GLU B 306 28.08 -7.83 -30.74
C GLU B 306 29.43 -8.54 -30.72
N VAL B 307 30.02 -8.74 -29.55
CA VAL B 307 31.27 -9.50 -29.50
C VAL B 307 31.06 -10.96 -29.94
N PHE B 308 29.81 -11.43 -29.96
CA PHE B 308 29.54 -12.80 -30.36
C PHE B 308 28.51 -12.87 -31.48
N SER B 309 28.43 -11.84 -32.33
CA SER B 309 27.46 -11.85 -33.42
C SER B 309 27.74 -12.97 -34.43
N ASP B 310 28.96 -13.49 -34.45
CA ASP B 310 29.24 -14.78 -35.07
C ASP B 310 28.22 -15.86 -34.70
N PHE B 311 27.66 -15.78 -33.49
CA PHE B 311 26.67 -16.76 -33.04
C PHE B 311 25.30 -16.12 -33.01
N PRO B 312 24.60 -16.08 -34.15
CA PRO B 312 23.42 -15.20 -34.28
C PRO B 312 22.20 -15.70 -33.54
N ASP B 313 22.18 -16.95 -33.06
CA ASP B 313 20.99 -17.50 -32.42
C ASP B 313 21.07 -17.55 -30.90
N LEU B 314 22.07 -16.91 -30.31
CA LEU B 314 22.03 -16.61 -28.89
C LEU B 314 20.99 -15.54 -28.62
N GLU B 315 20.25 -15.70 -27.53
CA GLU B 315 19.24 -14.75 -27.10
C GLU B 315 19.50 -14.39 -25.64
N VAL B 316 19.26 -13.13 -25.29
CA VAL B 316 19.37 -12.70 -23.91
C VAL B 316 18.04 -12.99 -23.22
N CYS B 317 18.06 -13.85 -22.22
CA CYS B 317 16.85 -14.18 -21.46
C CYS B 317 16.73 -13.39 -20.17
N VAL B 318 17.82 -13.24 -19.42
CA VAL B 318 17.83 -12.49 -18.15
C VAL B 318 19.01 -11.53 -18.18
N TYR B 319 18.74 -10.23 -18.05
CA TYR B 319 19.80 -9.26 -17.76
C TYR B 319 20.12 -9.40 -16.28
N ALA B 320 21.07 -10.27 -15.94
CA ALA B 320 21.26 -10.65 -14.54
C ALA B 320 22.10 -9.62 -13.77
N ALA B 321 23.17 -9.14 -14.38
CA ALA B 321 24.04 -8.13 -13.80
C ALA B 321 24.72 -7.41 -14.95
N PRO B 322 25.46 -6.31 -14.68
CA PRO B 322 26.12 -5.60 -15.79
C PRO B 322 27.01 -6.51 -16.62
N THR B 323 27.65 -7.50 -15.99
CA THR B 323 28.57 -8.38 -16.68
C THR B 323 28.14 -9.85 -16.59
N GLN B 324 26.85 -10.11 -16.40
CA GLN B 324 26.37 -11.49 -16.33
C GLN B 324 25.01 -11.57 -17.00
N THR B 325 24.82 -12.60 -17.83
CA THR B 325 23.61 -12.76 -18.62
C THR B 325 23.19 -14.23 -18.60
N VAL B 326 21.89 -14.46 -18.49
CA VAL B 326 21.32 -15.77 -18.79
C VAL B 326 20.91 -15.75 -20.26
N ILE B 327 21.48 -16.65 -21.05
CA ILE B 327 21.23 -16.72 -22.48
C ILE B 327 20.54 -18.04 -22.82
N GLY B 328 19.90 -18.06 -23.98
CA GLY B 328 19.44 -19.28 -24.60
C GLY B 328 20.06 -19.40 -25.98
N GLY B 329 20.24 -20.64 -26.43
CA GLY B 329 20.87 -20.84 -27.71
C GLY B 329 21.03 -22.29 -28.11
N PRO B 330 21.26 -22.52 -29.40
CA PRO B 330 21.52 -23.87 -29.87
C PRO B 330 22.72 -24.45 -29.16
N PRO B 331 22.77 -25.78 -28.99
CA PRO B 331 23.87 -26.38 -28.22
C PRO B 331 25.25 -25.99 -28.72
N GLU B 332 25.48 -25.97 -30.04
CA GLU B 332 26.83 -25.69 -30.50
C GLU B 332 27.23 -24.24 -30.24
N GLN B 333 26.30 -23.30 -30.35
CA GLN B 333 26.64 -21.90 -30.08
C GLN B 333 26.84 -21.66 -28.58
N VAL B 334 25.96 -22.23 -27.73
CA VAL B 334 26.12 -22.07 -26.28
C VAL B 334 27.38 -22.75 -25.79
N ASP B 335 27.71 -23.90 -26.37
CA ASP B 335 28.97 -24.57 -26.01
C ASP B 335 30.17 -23.72 -26.41
N ALA B 336 30.09 -23.07 -27.58
CA ALA B 336 31.17 -22.19 -28.01
C ALA B 336 31.37 -21.01 -27.05
N ILE B 337 30.27 -20.49 -26.50
CA ILE B 337 30.36 -19.40 -25.55
C ILE B 337 31.06 -19.85 -24.27
N LEU B 338 30.64 -21.00 -23.74
CA LEU B 338 31.27 -21.55 -22.54
C LEU B 338 32.76 -21.79 -22.77
N ALA B 339 33.13 -22.17 -24.01
CA ALA B 339 34.54 -22.43 -24.33
C ALA B 339 35.37 -21.15 -24.24
N ARG B 340 34.90 -20.06 -24.86
CA ARG B 340 35.62 -18.81 -24.75
C ARG B 340 35.64 -18.31 -23.32
N ALA B 341 34.59 -18.61 -22.55
CA ALA B 341 34.48 -18.08 -21.19
C ALA B 341 35.49 -18.75 -20.25
N GLU B 342 35.80 -20.01 -20.48
CA GLU B 342 36.88 -20.62 -19.69
C GLU B 342 38.24 -20.41 -20.33
N ALA B 343 38.30 -20.02 -21.60
CA ALA B 343 39.55 -19.52 -22.16
C ALA B 343 39.92 -18.16 -21.59
N GLU B 344 38.98 -17.47 -20.94
CA GLU B 344 39.24 -16.18 -20.33
C GLU B 344 39.02 -16.21 -18.82
N GLY B 345 38.93 -17.40 -18.23
CA GLY B 345 38.74 -17.52 -16.78
C GLY B 345 37.50 -16.81 -16.27
N LYS B 346 36.41 -16.85 -17.04
CA LYS B 346 35.16 -16.22 -16.66
C LYS B 346 34.12 -17.30 -16.36
N PHE B 347 33.17 -16.95 -15.50
CA PHE B 347 32.15 -17.90 -15.06
C PHE B 347 31.15 -18.23 -16.18
N ALA B 348 30.78 -19.50 -16.28
CA ALA B 348 29.82 -19.96 -17.27
C ALA B 348 29.27 -21.32 -16.87
N ARG B 349 27.95 -21.46 -16.85
CA ARG B 349 27.34 -22.72 -16.47
C ARG B 349 26.12 -23.00 -17.35
N LYS B 350 26.14 -24.19 -17.95
CA LYS B 350 25.19 -24.74 -18.90
C LYS B 350 24.02 -25.40 -18.16
N PHE B 351 22.91 -25.63 -18.86
CA PHE B 351 21.75 -26.30 -18.28
C PHE B 351 20.94 -27.00 -19.35
N ALA B 352 20.54 -28.24 -19.05
CA ALA B 352 19.95 -29.13 -20.05
C ALA B 352 18.47 -28.82 -20.18
N THR B 353 18.15 -27.88 -21.03
CA THR B 353 16.79 -27.60 -21.42
C THR B 353 16.66 -27.88 -22.91
N LYS B 354 15.45 -27.79 -23.42
CA LYS B 354 15.19 -27.82 -24.85
C LYS B 354 14.43 -26.60 -25.33
N GLY B 355 13.54 -26.06 -24.49
CA GLY B 355 12.90 -24.78 -24.75
C GLY B 355 13.40 -23.76 -23.75
N ALA B 356 13.79 -22.60 -24.25
CA ALA B 356 14.28 -21.52 -23.40
C ALA B 356 13.11 -20.63 -23.00
N SER B 357 12.94 -20.41 -21.70
CA SER B 357 11.99 -19.40 -21.26
C SER B 357 12.45 -18.03 -21.76
N HIS B 358 11.51 -17.08 -21.82
CA HIS B 358 11.77 -15.70 -22.26
C HIS B 358 12.22 -15.62 -23.72
N THR B 359 11.72 -16.52 -24.56
CA THR B 359 12.00 -16.52 -25.99
C THR B 359 10.72 -16.88 -26.73
N SER B 360 10.77 -16.83 -28.06
CA SER B 360 9.59 -17.16 -28.85
C SER B 360 9.17 -18.62 -28.70
N GLN B 361 10.03 -19.46 -28.13
CA GLN B 361 9.64 -20.84 -27.86
C GLN B 361 8.50 -20.91 -26.86
N MET B 362 8.27 -19.84 -26.09
CA MET B 362 7.11 -19.89 -25.22
C MET B 362 5.81 -19.53 -25.95
N ASP B 363 5.87 -19.01 -27.17
CA ASP B 363 4.64 -18.67 -27.92
C ASP B 363 3.63 -19.82 -27.98
N PRO B 364 4.00 -21.06 -28.35
CA PRO B 364 2.97 -22.11 -28.42
C PRO B 364 2.33 -22.42 -27.09
N LEU B 365 2.88 -21.89 -26.00
CA LEU B 365 2.42 -22.20 -24.65
C LEU B 365 1.42 -21.20 -24.11
N LEU B 366 1.39 -19.99 -24.65
CA LEU B 366 0.67 -18.89 -24.01
C LEU B 366 -0.84 -19.11 -24.05
N GLY B 367 -1.34 -19.82 -25.06
CA GLY B 367 -2.77 -20.03 -25.15
C GLY B 367 -3.28 -20.92 -24.03
N GLU B 368 -2.57 -22.01 -23.77
CA GLU B 368 -2.97 -22.88 -22.67
C GLU B 368 -2.62 -22.26 -21.32
N LEU B 369 -1.59 -21.39 -21.27
CA LEU B 369 -1.31 -20.66 -20.03
C LEU B 369 -2.48 -19.74 -19.67
N THR B 370 -3.01 -19.03 -20.68
CA THR B 370 -4.14 -18.15 -20.46
C THR B 370 -5.32 -18.92 -19.87
N ALA B 371 -5.63 -20.08 -20.45
CA ALA B 371 -6.80 -20.85 -19.99
C ALA B 371 -6.57 -21.41 -18.59
N GLU B 372 -5.36 -21.87 -18.29
CA GLU B 372 -5.14 -22.49 -16.98
C GLU B 372 -5.16 -21.46 -15.85
N LEU B 373 -4.96 -20.18 -16.14
CA LEU B 373 -4.86 -19.17 -15.10
C LEU B 373 -6.14 -18.39 -14.90
N GLN B 374 -7.15 -18.62 -15.74
CA GLN B 374 -8.45 -17.99 -15.54
C GLN B 374 -8.95 -18.26 -14.13
N GLY B 375 -9.32 -17.20 -13.42
CA GLY B 375 -9.82 -17.36 -12.07
C GLY B 375 -8.83 -17.11 -10.95
N ILE B 376 -7.57 -16.76 -11.26
CA ILE B 376 -6.71 -16.25 -10.19
C ILE B 376 -7.23 -14.88 -9.77
N LYS B 377 -7.05 -14.56 -8.49
CA LYS B 377 -7.54 -13.29 -7.93
C LYS B 377 -6.36 -12.41 -7.54
N PRO B 378 -5.89 -11.53 -8.43
CA PRO B 378 -4.79 -10.62 -8.07
C PRO B 378 -5.24 -9.61 -7.03
N THR B 379 -4.41 -9.40 -6.02
CA THR B 379 -4.73 -8.49 -4.94
C THR B 379 -3.76 -7.32 -4.91
N SER B 380 -4.16 -6.26 -4.22
CA SER B 380 -3.33 -5.08 -4.08
C SER B 380 -2.07 -5.43 -3.28
N PRO B 381 -0.87 -5.17 -3.81
CA PRO B 381 0.36 -5.56 -3.09
C PRO B 381 0.49 -4.87 -1.74
N THR B 382 0.96 -5.63 -0.76
CA THR B 382 1.17 -5.13 0.60
C THR B 382 2.60 -4.70 0.87
N CYS B 383 3.53 -4.92 -0.05
CA CYS B 383 4.86 -4.33 0.03
C CYS B 383 5.29 -3.93 -1.36
N GLY B 384 6.42 -3.22 -1.45
CA GLY B 384 6.88 -2.75 -2.74
C GLY B 384 7.35 -3.88 -3.64
N ILE B 385 7.32 -3.61 -4.95
CA ILE B 385 7.69 -4.60 -5.95
C ILE B 385 8.59 -3.92 -6.98
N PHE B 386 9.79 -4.47 -7.19
CA PHE B 386 10.64 -4.13 -8.33
C PHE B 386 10.34 -5.18 -9.39
N SER B 387 9.47 -4.84 -10.34
CA SER B 387 8.95 -5.83 -11.28
C SER B 387 9.92 -6.01 -12.43
N THR B 388 10.66 -7.13 -12.41
CA THR B 388 11.55 -7.43 -13.53
C THR B 388 10.78 -7.86 -14.78
N VAL B 389 9.47 -8.05 -14.68
CA VAL B 389 8.63 -8.24 -15.85
C VAL B 389 8.35 -6.90 -16.52
N HIS B 390 7.90 -5.91 -15.74
CA HIS B 390 7.65 -4.55 -16.25
C HIS B 390 8.94 -3.73 -16.22
N GLU B 391 9.97 -4.29 -16.86
CA GLU B 391 11.21 -3.60 -17.19
C GLU B 391 11.94 -3.09 -15.95
N GLY B 392 11.68 -3.66 -14.77
CA GLY B 392 12.45 -3.30 -13.59
C GLY B 392 11.89 -2.17 -12.78
N ARG B 393 10.71 -1.67 -13.12
CA ARG B 393 10.17 -0.49 -12.47
C ARG B 393 9.60 -0.82 -11.10
N TYR B 394 9.59 0.19 -10.23
CA TYR B 394 9.11 0.02 -8.88
C TYR B 394 7.62 0.27 -8.82
N ILE B 395 6.93 -0.56 -8.07
CA ILE B 395 5.50 -0.50 -7.89
C ILE B 395 5.25 -0.38 -6.39
N LYS B 396 4.71 0.77 -5.96
CA LYS B 396 4.59 0.97 -4.53
C LYS B 396 3.38 0.20 -3.98
N PRO B 397 3.38 -0.16 -2.70
CA PRO B 397 2.28 -0.96 -2.16
C PRO B 397 0.98 -0.20 -2.26
N GLY B 398 -0.13 -0.95 -2.21
CA GLY B 398 -1.45 -0.38 -2.09
C GLY B 398 -2.11 0.01 -3.40
N GLY B 399 -1.37 0.03 -4.51
CA GLY B 399 -1.95 0.40 -5.78
C GLY B 399 -2.85 -0.68 -6.35
N GLU B 400 -3.15 -0.53 -7.65
CA GLU B 400 -3.94 -1.53 -8.38
C GLU B 400 -3.16 -2.85 -8.44
N PRO B 401 -3.85 -3.99 -8.42
CA PRO B 401 -3.14 -5.26 -8.58
C PRO B 401 -2.41 -5.32 -9.92
N ILE B 402 -1.26 -6.00 -9.92
CA ILE B 402 -0.52 -6.18 -11.16
C ILE B 402 -0.43 -7.63 -11.61
N HIS B 403 -0.72 -8.61 -10.73
CA HIS B 403 -0.43 -10.01 -11.05
C HIS B 403 -1.56 -10.64 -11.87
N ASP B 404 -1.95 -9.91 -12.92
CA ASP B 404 -2.73 -10.34 -14.09
C ASP B 404 -2.41 -11.70 -14.66
N VAL B 405 -3.42 -12.34 -15.27
CA VAL B 405 -3.14 -13.43 -16.20
C VAL B 405 -2.14 -12.97 -17.26
N GLU B 406 -2.32 -11.76 -17.79
CA GLU B 406 -1.38 -11.23 -18.77
C GLU B 406 -0.02 -10.92 -18.16
N TYR B 407 0.05 -10.66 -16.85
CA TYR B 407 1.35 -10.49 -16.23
C TYR B 407 2.17 -11.76 -16.31
N TRP B 408 1.54 -12.91 -16.06
CA TRP B 408 2.25 -14.19 -16.12
C TRP B 408 2.61 -14.57 -17.56
N LYS B 409 1.77 -14.20 -18.53
CA LYS B 409 2.10 -14.42 -19.95
C LYS B 409 3.29 -13.59 -20.37
N LYS B 410 3.26 -12.29 -20.06
CA LYS B 410 4.40 -11.43 -20.38
C LYS B 410 5.67 -11.88 -19.64
N GLY B 411 5.53 -12.33 -18.39
CA GLY B 411 6.70 -12.74 -17.63
C GLY B 411 7.37 -13.96 -18.22
N LEU B 412 6.58 -14.94 -18.68
CA LEU B 412 7.18 -16.14 -19.26
C LEU B 412 7.78 -15.85 -20.63
N ARG B 413 7.13 -14.98 -21.42
CA ARG B 413 7.53 -14.81 -22.82
C ARG B 413 8.70 -13.83 -22.98
N HIS B 414 8.73 -12.75 -22.20
CA HIS B 414 9.64 -11.65 -22.47
C HIS B 414 10.80 -11.64 -21.48
N SER B 415 11.73 -10.71 -21.73
CA SER B 415 13.02 -10.65 -21.03
C SER B 415 12.81 -10.32 -19.55
N VAL B 416 13.81 -10.66 -18.74
CA VAL B 416 13.78 -10.41 -17.30
C VAL B 416 14.75 -9.28 -17.00
N TYR B 417 14.24 -8.12 -16.62
CA TYR B 417 15.08 -6.95 -16.36
C TYR B 417 15.50 -6.95 -14.89
N PHE B 418 16.31 -7.94 -14.53
CA PHE B 418 16.68 -8.12 -13.13
C PHE B 418 17.69 -7.06 -12.68
N THR B 419 18.77 -6.89 -13.44
CA THR B 419 19.76 -5.90 -13.09
C THR B 419 19.16 -4.49 -13.06
N HIS B 420 18.14 -4.23 -13.87
CA HIS B 420 17.45 -2.94 -13.83
C HIS B 420 16.67 -2.76 -12.53
N GLY B 421 16.05 -3.84 -12.03
CA GLY B 421 15.31 -3.75 -10.78
C GLY B 421 16.19 -3.53 -9.57
N ILE B 422 17.34 -4.23 -9.50
CA ILE B 422 18.28 -4.02 -8.41
C ILE B 422 18.80 -2.58 -8.41
N ARG B 423 19.15 -2.07 -9.60
CA ARG B 423 19.62 -0.69 -9.70
C ARG B 423 18.56 0.29 -9.20
N ASN B 424 17.31 0.10 -9.64
CA ASN B 424 16.22 0.90 -9.09
C ASN B 424 16.15 0.78 -7.57
N ALA B 425 16.37 -0.43 -7.03
CA ALA B 425 16.32 -0.60 -5.58
C ALA B 425 17.44 0.19 -4.91
N VAL B 426 18.65 0.15 -5.46
CA VAL B 426 19.76 0.90 -4.88
C VAL B 426 19.47 2.40 -4.96
N ASP B 427 18.88 2.86 -6.06
CA ASP B 427 18.63 4.27 -6.25
C ASP B 427 17.49 4.80 -5.40
N SER B 428 16.67 3.93 -4.81
CA SER B 428 15.67 4.37 -3.86
C SER B 428 16.07 4.10 -2.42
N GLY B 429 17.36 3.89 -2.15
CA GLY B 429 17.85 3.80 -0.79
C GLY B 429 18.01 2.41 -0.19
N HIS B 430 17.63 1.34 -0.91
CA HIS B 430 17.76 0.00 -0.35
C HIS B 430 19.22 -0.43 -0.35
N THR B 431 19.68 -1.01 0.78
CA THR B 431 21.01 -1.58 0.83
C THR B 431 21.05 -3.04 1.28
N THR B 432 19.98 -3.57 1.87
CA THR B 432 19.94 -4.95 2.32
C THR B 432 19.14 -5.77 1.30
N PHE B 433 19.77 -6.81 0.78
CA PHE B 433 19.15 -7.73 -0.17
C PHE B 433 19.27 -9.14 0.40
N LEU B 434 18.13 -9.81 0.60
CA LEU B 434 18.07 -11.13 1.20
C LEU B 434 17.53 -12.09 0.15
N GLU B 435 18.28 -13.14 -0.15
CA GLU B 435 17.84 -14.12 -1.14
C GLU B 435 17.25 -15.36 -0.47
N LEU B 436 16.03 -15.71 -0.88
CA LEU B 436 15.40 -16.99 -0.52
C LEU B 436 15.70 -17.98 -1.64
N ALA B 437 16.54 -18.99 -1.36
CA ALA B 437 17.00 -19.88 -2.41
C ALA B 437 17.66 -21.12 -1.81
N PRO B 438 17.65 -22.25 -2.53
CA PRO B 438 18.49 -23.39 -2.10
C PRO B 438 19.97 -23.17 -2.33
N ASN B 439 20.36 -22.14 -3.10
CA ASN B 439 21.73 -21.80 -3.43
C ASN B 439 21.75 -20.33 -3.82
N PRO B 440 22.68 -19.49 -3.26
CA PRO B 440 22.63 -18.03 -3.45
C PRO B 440 23.21 -17.52 -4.78
N VAL B 441 22.82 -18.17 -5.88
CA VAL B 441 23.26 -17.76 -7.22
C VAL B 441 22.90 -16.30 -7.50
N ALA B 442 21.64 -15.92 -7.29
CA ALA B 442 21.23 -14.57 -7.68
C ALA B 442 21.92 -13.50 -6.85
N LEU B 443 22.25 -13.81 -5.59
CA LEU B 443 22.91 -12.82 -4.73
C LEU B 443 24.27 -12.42 -5.28
N MET B 444 24.97 -13.34 -5.94
CA MET B 444 26.20 -12.97 -6.65
C MET B 444 25.91 -11.92 -7.71
N GLN B 445 24.78 -12.07 -8.42
CA GLN B 445 24.42 -11.08 -9.44
C GLN B 445 24.09 -9.74 -8.81
N VAL B 446 23.45 -9.76 -7.63
CA VAL B 446 23.10 -8.51 -6.95
C VAL B 446 24.37 -7.81 -6.48
N ALA B 447 25.34 -8.58 -5.98
CA ALA B 447 26.61 -8.01 -5.58
C ALA B 447 27.26 -7.22 -6.70
N LEU B 448 27.19 -7.75 -7.94
CA LEU B 448 27.81 -7.07 -9.07
C LEU B 448 27.08 -5.78 -9.40
N THR B 449 25.74 -5.80 -9.35
CA THR B 449 24.96 -4.60 -9.67
C THR B 449 25.08 -3.54 -8.58
N THR B 450 25.08 -3.93 -7.31
CA THR B 450 25.22 -2.93 -6.26
C THR B 450 26.58 -2.24 -6.37
N ALA B 451 27.66 -3.01 -6.47
CA ALA B 451 28.98 -2.42 -6.69
C ALA B 451 29.02 -1.50 -7.89
N ASP B 452 28.42 -1.91 -9.01
CA ASP B 452 28.42 -1.07 -10.21
C ASP B 452 27.60 0.20 -10.03
N ALA B 453 26.65 0.22 -9.10
CA ALA B 453 25.85 1.39 -8.86
C ALA B 453 26.44 2.29 -7.81
N GLY B 454 27.65 2.01 -7.34
CA GLY B 454 28.32 2.82 -6.33
C GLY B 454 28.16 2.32 -4.90
N LEU B 455 27.22 1.42 -4.65
CA LEU B 455 27.01 0.87 -3.31
C LEU B 455 28.02 -0.24 -3.06
N HIS B 456 29.09 0.07 -2.34
CA HIS B 456 30.16 -0.91 -2.12
C HIS B 456 30.07 -1.62 -0.78
N ASP B 457 29.05 -1.35 0.04
CA ASP B 457 28.91 -2.07 1.29
C ASP B 457 27.45 -2.49 1.51
N ALA B 458 26.82 -3.05 0.48
CA ALA B 458 25.47 -3.58 0.63
C ALA B 458 25.49 -4.75 1.61
N GLN B 459 24.35 -4.99 2.27
CA GLN B 459 24.15 -6.14 3.14
C GLN B 459 23.57 -7.26 2.27
N LEU B 460 24.40 -8.25 1.91
CA LEU B 460 24.00 -9.34 1.02
C LEU B 460 23.81 -10.61 1.85
N ILE B 461 22.56 -10.99 2.11
CA ILE B 461 22.23 -12.00 3.11
C ILE B 461 21.73 -13.25 2.38
N PRO B 462 22.49 -14.33 2.32
CA PRO B 462 22.00 -15.56 1.71
C PRO B 462 21.10 -16.32 2.69
N THR B 463 20.47 -17.41 2.17
CA THR B 463 19.82 -18.39 3.04
C THR B 463 20.55 -19.71 2.88
N LEU B 464 20.01 -20.69 2.15
CA LEU B 464 20.63 -22.02 2.09
C LEU B 464 21.72 -22.06 1.01
N ALA B 465 22.66 -23.00 1.17
CA ALA B 465 23.70 -23.24 0.19
C ALA B 465 24.10 -24.72 0.22
N ARG B 466 24.33 -25.29 -0.96
CA ARG B 466 24.74 -26.69 -1.03
C ARG B 466 26.06 -26.88 -0.30
N LYS B 467 26.20 -28.01 0.41
CA LYS B 467 27.39 -28.32 1.20
C LYS B 467 27.58 -27.37 2.38
N GLN B 468 26.51 -26.74 2.84
CA GLN B 468 26.52 -25.93 4.04
C GLN B 468 25.39 -26.37 4.93
N ASP B 469 25.65 -26.47 6.23
CA ASP B 469 24.61 -26.93 7.11
C ASP B 469 23.43 -25.98 7.03
N GLU B 470 22.25 -26.53 6.70
CA GLU B 470 21.10 -25.69 6.44
C GLU B 470 20.56 -25.06 7.71
N VAL B 471 20.62 -25.76 8.85
CA VAL B 471 20.18 -25.17 10.11
C VAL B 471 21.05 -23.97 10.48
N SER B 472 22.38 -24.15 10.39
CA SER B 472 23.33 -23.07 10.67
C SER B 472 23.13 -21.88 9.74
N SER B 473 22.84 -22.17 8.47
CA SER B 473 22.68 -21.10 7.49
C SER B 473 21.55 -20.18 7.89
N MET B 474 20.44 -20.75 8.39
CA MET B 474 19.30 -19.91 8.75
C MET B 474 19.55 -19.15 10.06
N VAL B 475 20.38 -19.68 10.95
CA VAL B 475 20.75 -18.90 12.13
C VAL B 475 21.53 -17.65 11.71
N SER B 476 22.48 -17.84 10.80
CA SER B 476 23.28 -16.73 10.30
C SER B 476 22.42 -15.70 9.58
N THR B 477 21.50 -16.15 8.71
CA THR B 477 20.56 -15.26 8.04
C THR B 477 19.85 -14.34 9.03
N MET B 478 19.28 -14.96 10.08
CA MET B 478 18.50 -14.22 11.06
C MET B 478 19.38 -13.33 11.94
N ALA B 479 20.59 -13.78 12.27
CA ALA B 479 21.51 -12.95 13.03
C ALA B 479 21.86 -11.68 12.27
N GLN B 480 22.02 -11.77 10.95
CA GLN B 480 22.34 -10.57 10.15
C GLN B 480 21.16 -9.61 10.11
N LEU B 481 19.94 -10.13 9.94
CA LEU B 481 18.78 -9.25 10.00
C LEU B 481 18.74 -8.49 11.32
N TYR B 482 18.99 -9.19 12.44
CA TYR B 482 19.01 -8.52 13.75
C TYR B 482 20.06 -7.41 13.80
N VAL B 483 21.28 -7.70 13.34
CA VAL B 483 22.40 -6.77 13.51
C VAL B 483 22.11 -5.44 12.83
N TYR B 484 21.59 -5.47 11.60
CA TYR B 484 21.30 -4.26 10.85
C TYR B 484 20.02 -3.56 11.28
N GLY B 485 19.31 -4.07 12.28
CA GLY B 485 18.12 -3.38 12.76
C GLY B 485 16.83 -3.71 12.04
N HIS B 486 16.81 -4.73 11.18
CA HIS B 486 15.57 -5.10 10.49
C HIS B 486 14.67 -5.91 11.42
N ASP B 487 13.39 -5.98 11.05
CA ASP B 487 12.41 -6.75 11.82
C ASP B 487 12.88 -8.18 12.05
N LEU B 488 13.06 -8.54 13.31
CA LEU B 488 13.40 -9.90 13.72
C LEU B 488 13.35 -9.97 15.24
N ASP B 489 12.67 -10.98 15.79
CA ASP B 489 12.59 -11.16 17.24
C ASP B 489 13.71 -12.14 17.64
N ILE B 490 14.87 -11.58 18.01
CA ILE B 490 16.02 -12.43 18.29
C ILE B 490 15.77 -13.40 19.44
N ARG B 491 14.79 -13.11 20.31
CA ARG B 491 14.49 -14.03 21.39
C ARG B 491 13.93 -15.36 20.89
N THR B 492 13.38 -15.40 19.67
CA THR B 492 12.82 -16.64 19.14
C THR B 492 13.89 -17.56 18.57
N LEU B 493 15.16 -17.14 18.58
CA LEU B 493 16.26 -18.03 18.22
C LEU B 493 16.67 -18.95 19.37
N PHE B 494 15.99 -18.84 20.51
CA PHE B 494 16.23 -19.68 21.67
C PHE B 494 14.90 -20.20 22.16
N SER B 495 14.88 -21.42 22.67
CA SER B 495 13.66 -21.89 23.30
C SER B 495 13.35 -21.03 24.53
N ARG B 496 12.06 -20.90 24.83
CA ARG B 496 11.66 -20.23 26.07
C ARG B 496 12.38 -20.85 27.26
N ALA B 497 12.84 -20.00 28.17
CA ALA B 497 13.54 -20.51 29.36
C ALA B 497 12.61 -21.40 30.17
N SER B 498 13.18 -22.50 30.69
CA SER B 498 12.45 -23.50 31.46
C SER B 498 12.79 -23.50 32.94
N GLY B 499 13.83 -22.77 33.32
CA GLY B 499 14.26 -22.64 34.70
C GLY B 499 15.53 -21.82 34.75
N PRO B 500 16.03 -21.53 35.95
CA PRO B 500 17.23 -20.68 36.05
C PRO B 500 18.39 -21.24 35.28
N GLN B 501 18.41 -22.55 35.04
CA GLN B 501 19.54 -23.17 34.37
C GLN B 501 19.59 -22.80 32.89
N ASP B 502 18.50 -22.26 32.33
CA ASP B 502 18.49 -21.82 30.94
C ASP B 502 19.04 -20.41 30.76
N TYR B 503 19.45 -19.73 31.84
CA TYR B 503 19.96 -18.36 31.78
C TYR B 503 21.36 -18.33 32.39
N ALA B 504 22.40 -18.14 31.56
CA ALA B 504 23.72 -17.97 32.17
C ALA B 504 23.76 -16.66 32.94
N ASN B 505 24.58 -16.63 34.00
CA ASN B 505 24.73 -15.45 34.84
C ASN B 505 25.77 -14.48 34.25
N ILE B 506 25.45 -13.95 33.07
CA ILE B 506 26.33 -13.03 32.38
C ILE B 506 26.50 -11.77 33.25
N PRO B 507 27.67 -11.15 33.27
CA PRO B 507 27.87 -9.97 34.13
C PRO B 507 27.01 -8.81 33.66
N PRO B 508 26.26 -8.16 34.57
CA PRO B 508 25.70 -6.84 34.24
C PRO B 508 26.81 -5.91 33.78
N THR B 509 26.45 -4.88 33.01
CA THR B 509 27.46 -3.98 32.48
C THR B 509 27.03 -2.55 32.70
N ARG B 510 28.03 -1.66 32.76
CA ARG B 510 27.78 -0.23 32.84
C ARG B 510 27.84 0.45 31.48
N PHE B 511 28.12 -0.29 30.41
CA PHE B 511 28.24 0.28 29.07
C PHE B 511 27.00 -0.15 28.26
N LYS B 512 25.97 0.68 28.28
CA LYS B 512 24.65 0.32 27.71
C LYS B 512 24.31 1.07 26.39
N ARG C 25 32.50 -17.08 -4.01
CA ARG C 25 32.08 -18.14 -3.10
C ARG C 25 31.44 -17.56 -1.83
N PHE C 26 30.53 -18.32 -1.22
CA PHE C 26 29.95 -18.00 0.08
C PHE C 26 30.44 -19.00 1.12
N ASP C 27 30.58 -18.56 2.37
CA ASP C 27 31.06 -19.43 3.45
C ASP C 27 29.96 -19.71 4.48
N GLU C 28 30.34 -20.39 5.58
CA GLU C 28 29.39 -20.94 6.56
C GLU C 28 28.38 -19.91 7.06
N PHE C 29 28.68 -18.62 6.95
CA PHE C 29 27.85 -17.55 7.49
C PHE C 29 27.28 -16.61 6.43
N GLY C 30 27.90 -16.50 5.26
CA GLY C 30 27.30 -15.71 4.20
C GLY C 30 28.22 -14.68 3.57
N ASN C 31 29.48 -14.65 3.99
CA ASN C 31 30.45 -13.73 3.40
C ASN C 31 30.83 -14.20 2.00
N ILE C 32 31.28 -13.25 1.18
CA ILE C 32 31.76 -13.55 -0.17
C ILE C 32 33.28 -13.74 -0.12
N ILE C 33 33.71 -14.99 -0.28
CA ILE C 33 35.12 -15.35 -0.26
C ILE C 33 35.55 -15.54 -1.71
N THR C 34 36.42 -14.65 -2.19
CA THR C 34 36.92 -14.71 -3.57
C THR C 34 38.34 -15.28 -3.62
#